data_1U0N
#
_entry.id   1U0N
#
_cell.length_a   108.315
_cell.length_b   108.315
_cell.length_c   221.967
_cell.angle_alpha   90.00
_cell.angle_beta   90.00
_cell.angle_gamma   90.00
#
_symmetry.space_group_name_H-M   'P 41 21 2'
#
loop_
_entity.id
_entity.type
_entity.pdbx_description
1 polymer 'Von Willebrand factor'
2 polymer Botrocetin
3 polymer Botrocetin
4 polymer 'Platelet glycoprotein Ib'
#
loop_
_entity_poly.entity_id
_entity_poly.type
_entity_poly.pdbx_seq_one_letter_code
_entity_poly.pdbx_strand_id
1 'polypeptide(L)'
;DISEPPLHDFYCSRLLDLVFLLDGSSRLSEAEFEVLKAFVVDMMERLRISQKWVRVAVVEYHDGSHAYIGLKDRKRPSEL
RRIASQVKYAGSQVASTSEVLKYTLFQIFSKIDRPEASRIALLLMASQEPQRMSRNFVRYVQGLKKKKVIVIPVGIGPHA
NLKQIRLIEKQAPENKAFVLSSVDELEQQRDEIVSYLCDLAPEAPPPT
;
A
2 'polypeptide(L)'
;DCPSGWSSYEGNCYKFFQQKMNWADAERFCSEQAKGGHLVSIKIYSKEKDFVGDLVTKNIQSSDLYAWIGLRVENKEKQC
SSEWSDGSSVSYENVVERTVKKCFALEKDLGFVLWINLYCAQKNPFVCKSPPP
;
B
3 'polypeptide(L)'
;DCPPDWSSYEGHCYRFFKEWMHWDDAEEFCTEQQTGAHLVSFQSKEEADFVRSLTSEMLKGDVVWIGLSDVWNKCRFEWT
DGMEFDYDDYYLIAEYECVASKPTNNKWWIIPCTRFKNFVCEFQA
;
C
4 'polypeptide(L)'
;HPICEVSKVASHLEVNCDKRQLTALPPDLPKDTTILHLSENLLYTFSLATLMPYTRLTQLNLDRCELTKLQVDGTLPVLG
TLDLSHNQLQSLPLLGQTLPALTVLDVSFNRLTSLPLGALRGLGELQELYLKGNELKTLPPGLLTPTPKLEKLSLANNQL
TELPAGLLNGLENLDTLLLQENSLYTIPKGFFGSHLLPFAFLHGNPWLCNCEILYFRRWLQDNAENVYVWKQGVDVKAMT
SNVASVQCDNSDKFPVYKYPGKGCP
;
D
#
# COMPACT_ATOMS: atom_id res chain seq x y z
N ASP A 1 -1.57 39.25 -9.03
CA ASP A 1 -1.95 37.82 -8.87
C ASP A 1 -0.69 37.01 -8.60
N ILE A 2 -0.84 35.87 -7.93
CA ILE A 2 0.29 34.98 -7.65
C ILE A 2 1.07 34.87 -8.96
N SER A 3 0.33 34.65 -10.05
CA SER A 3 0.85 34.57 -11.40
C SER A 3 2.27 34.00 -11.64
N GLU A 4 3.21 34.90 -11.92
CA GLU A 4 4.62 34.58 -12.22
C GLU A 4 4.77 34.08 -13.66
N PRO A 5 5.65 34.71 -14.44
CA PRO A 5 5.88 34.35 -15.83
C PRO A 5 6.82 33.17 -16.05
N PRO A 6 6.78 32.57 -17.26
CA PRO A 6 7.62 31.44 -17.63
C PRO A 6 9.09 31.86 -17.81
N LEU A 7 9.98 31.03 -17.27
CA LEU A 7 11.40 31.26 -17.30
C LEU A 7 12.02 30.89 -18.64
N HIS A 8 11.60 29.77 -19.21
CA HIS A 8 12.16 29.36 -20.50
C HIS A 8 11.16 29.16 -21.63
N ASP A 9 11.67 29.13 -22.85
CA ASP A 9 10.83 28.93 -24.03
C ASP A 9 10.06 27.64 -23.91
N PHE A 10 10.55 26.72 -23.08
CA PHE A 10 9.86 25.46 -22.85
C PHE A 10 9.08 25.67 -21.57
N TYR A 11 7.78 25.75 -21.70
CA TYR A 11 6.91 25.98 -20.55
C TYR A 11 5.68 25.09 -20.69
N CYS A 12 5.85 23.83 -20.26
CA CYS A 12 4.78 22.85 -20.34
C CYS A 12 3.44 23.37 -19.85
N SER A 13 2.49 23.52 -20.77
CA SER A 13 1.16 24.02 -20.44
C SER A 13 0.10 22.93 -20.71
N ARG A 14 0.12 21.88 -19.90
CA ARG A 14 -0.83 20.80 -20.07
C ARG A 14 -1.50 20.32 -18.80
N LEU A 15 -2.43 19.40 -18.95
CA LEU A 15 -3.14 18.85 -17.82
C LEU A 15 -2.31 17.67 -17.31
N LEU A 16 -1.64 17.86 -16.18
CA LEU A 16 -0.80 16.79 -15.67
C LEU A 16 -0.46 16.92 -14.19
N ASP A 17 -0.44 15.77 -13.51
CA ASP A 17 -0.08 15.69 -12.09
C ASP A 17 1.20 14.89 -12.05
N LEU A 18 2.30 15.56 -11.78
CA LEU A 18 3.61 14.92 -11.74
C LEU A 18 4.09 14.79 -10.30
N VAL A 19 4.39 13.56 -9.88
CA VAL A 19 4.85 13.31 -8.52
C VAL A 19 6.35 13.04 -8.58
N PHE A 20 7.14 13.87 -7.90
CA PHE A 20 8.60 13.68 -7.85
C PHE A 20 8.94 12.80 -6.67
N LEU A 21 9.50 11.62 -6.95
CA LEU A 21 9.89 10.70 -5.89
C LEU A 21 11.40 10.68 -5.79
N LEU A 22 11.92 11.24 -4.70
CA LEU A 22 13.36 11.32 -4.50
C LEU A 22 14.04 10.26 -3.63
N ASP A 23 14.90 9.45 -4.25
CA ASP A 23 15.63 8.44 -3.51
C ASP A 23 16.39 9.13 -2.39
N GLY A 24 16.20 8.69 -1.15
CA GLY A 24 16.89 9.35 -0.07
C GLY A 24 17.83 8.45 0.72
N SER A 25 18.59 7.63 0.01
CA SER A 25 19.54 6.74 0.66
C SER A 25 20.96 7.28 0.60
N SER A 26 21.81 6.80 1.49
CA SER A 26 23.19 7.25 1.50
C SER A 26 23.87 6.85 0.20
N ARG A 27 23.12 6.24 -0.70
CA ARG A 27 23.66 5.82 -1.98
C ARG A 27 24.03 7.07 -2.77
N LEU A 28 23.56 8.20 -2.28
CA LEU A 28 23.87 9.49 -2.87
C LEU A 28 24.44 10.34 -1.73
N SER A 29 25.57 10.98 -2.00
CA SER A 29 26.22 11.84 -1.02
C SER A 29 25.36 13.05 -0.79
N GLU A 30 25.60 13.75 0.31
CA GLU A 30 24.84 14.94 0.61
C GLU A 30 24.96 15.89 -0.59
N ALA A 31 26.16 15.88 -1.20
CA ALA A 31 26.49 16.72 -2.33
C ALA A 31 25.80 16.36 -3.63
N GLU A 32 25.53 15.08 -3.82
CA GLU A 32 24.86 14.64 -5.05
C GLU A 32 23.36 14.84 -4.87
N PHE A 33 22.88 14.63 -3.65
CA PHE A 33 21.47 14.80 -3.36
C PHE A 33 21.09 16.20 -3.86
N GLU A 34 22.06 17.12 -3.81
CA GLU A 34 21.82 18.47 -4.26
C GLU A 34 21.63 18.44 -5.77
N VAL A 35 22.64 17.98 -6.49
CA VAL A 35 22.56 17.86 -7.93
C VAL A 35 21.14 17.36 -8.34
N LEU A 36 20.65 16.37 -7.59
CA LEU A 36 19.34 15.77 -7.83
C LEU A 36 18.22 16.78 -7.59
N LYS A 37 18.22 17.42 -6.41
CA LYS A 37 17.18 18.41 -6.11
C LYS A 37 17.18 19.49 -7.17
N ALA A 38 18.38 19.87 -7.60
CA ALA A 38 18.54 20.89 -8.61
C ALA A 38 17.81 20.39 -9.84
N PHE A 39 17.96 19.11 -10.14
CA PHE A 39 17.28 18.54 -11.29
C PHE A 39 15.77 18.77 -11.16
N VAL A 40 15.22 18.46 -9.99
CA VAL A 40 13.80 18.64 -9.77
C VAL A 40 13.37 20.10 -9.89
N VAL A 41 14.19 21.02 -9.36
CA VAL A 41 13.86 22.45 -9.45
C VAL A 41 13.92 22.79 -10.94
N ASP A 42 14.99 22.29 -11.56
CA ASP A 42 15.22 22.48 -12.97
C ASP A 42 13.97 22.04 -13.72
N MET A 43 13.53 20.81 -13.47
CA MET A 43 12.33 20.30 -14.12
C MET A 43 11.15 21.23 -13.89
N MET A 44 10.89 21.52 -12.62
CA MET A 44 9.80 22.41 -12.24
C MET A 44 9.89 23.70 -13.05
N GLU A 45 11.04 24.37 -13.01
CA GLU A 45 11.20 25.61 -13.76
C GLU A 45 10.55 25.56 -15.15
N ARG A 46 10.50 24.38 -15.76
CA ARG A 46 9.91 24.25 -17.09
C ARG A 46 8.47 23.74 -17.18
N LEU A 47 7.66 24.04 -16.18
CA LEU A 47 6.26 23.60 -16.20
C LEU A 47 5.30 24.70 -15.78
N ARG A 48 4.18 24.79 -16.48
CA ARG A 48 3.18 25.79 -16.12
C ARG A 48 2.45 25.18 -14.93
N ILE A 49 2.92 25.52 -13.75
CA ILE A 49 2.40 24.97 -12.52
C ILE A 49 1.25 25.73 -11.83
N SER A 50 0.09 25.10 -11.82
CA SER A 50 -1.10 25.64 -11.17
C SER A 50 -2.13 24.52 -11.14
N GLN A 51 -3.03 24.54 -10.17
CA GLN A 51 -4.04 23.51 -10.05
C GLN A 51 -4.75 23.21 -11.35
N LYS A 52 -4.83 24.20 -12.26
CA LYS A 52 -5.52 23.99 -13.53
C LYS A 52 -4.60 23.72 -14.71
N TRP A 53 -3.39 23.23 -14.42
CA TRP A 53 -2.43 22.90 -15.45
C TRP A 53 -1.54 21.76 -14.98
N VAL A 54 -0.30 22.07 -14.70
CA VAL A 54 0.66 21.08 -14.23
C VAL A 54 0.69 21.11 -12.71
N ARG A 55 0.46 19.99 -12.06
CA ARG A 55 0.48 19.95 -10.60
C ARG A 55 1.66 19.13 -10.10
N VAL A 56 2.56 19.76 -9.35
CA VAL A 56 3.73 19.08 -8.82
C VAL A 56 3.47 18.49 -7.45
N ALA A 57 4.40 17.66 -6.99
CA ALA A 57 4.36 17.01 -5.68
C ALA A 57 5.79 16.59 -5.41
N VAL A 58 6.23 16.62 -4.15
CA VAL A 58 7.60 16.22 -3.87
C VAL A 58 7.76 15.35 -2.63
N VAL A 59 8.05 14.08 -2.85
CA VAL A 59 8.24 13.14 -1.74
C VAL A 59 9.65 12.55 -1.78
N GLU A 60 10.34 12.62 -0.66
CA GLU A 60 11.69 12.09 -0.52
C GLU A 60 11.53 10.82 0.32
N TYR A 61 12.09 9.72 -0.14
CA TYR A 61 11.92 8.48 0.59
C TYR A 61 13.12 7.60 1.00
N HIS A 62 13.03 7.05 2.20
CA HIS A 62 14.01 6.09 2.71
C HIS A 62 13.13 4.99 3.28
N ASP A 63 13.01 4.93 4.61
CA ASP A 63 12.15 3.92 5.23
C ASP A 63 10.70 4.26 4.92
N GLY A 64 10.34 5.50 5.28
CA GLY A 64 9.01 5.98 5.02
C GLY A 64 9.07 6.98 3.86
N SER A 65 7.99 7.69 3.64
CA SER A 65 7.95 8.66 2.57
C SER A 65 7.66 10.06 3.12
N HIS A 66 8.52 11.02 2.82
CA HIS A 66 8.34 12.39 3.29
C HIS A 66 7.86 13.29 2.15
N ALA A 67 6.72 13.93 2.37
CA ALA A 67 6.15 14.78 1.35
C ALA A 67 6.29 16.26 1.69
N TYR A 68 7.19 16.94 0.97
CA TYR A 68 7.41 18.37 1.18
C TYR A 68 6.44 19.17 0.32
N ILE A 69 5.82 18.51 -0.65
CA ILE A 69 4.87 19.16 -1.53
C ILE A 69 3.71 18.26 -1.91
N GLY A 70 2.49 18.76 -1.67
CA GLY A 70 1.29 18.02 -1.99
C GLY A 70 0.64 18.52 -3.27
N LEU A 71 0.02 17.61 -4.02
CA LEU A 71 -0.62 17.96 -5.29
C LEU A 71 -1.61 19.12 -5.21
N LYS A 72 -2.32 19.22 -4.09
CA LYS A 72 -3.32 20.25 -3.93
C LYS A 72 -2.85 21.55 -3.28
N ASP A 73 -1.57 21.64 -2.95
CA ASP A 73 -1.04 22.85 -2.34
C ASP A 73 -1.11 24.00 -3.34
N ARG A 74 -1.96 24.99 -3.08
CA ARG A 74 -2.04 26.13 -3.99
C ARG A 74 -1.01 27.14 -3.51
N LYS A 75 0.19 27.06 -4.05
CA LYS A 75 1.26 27.98 -3.67
C LYS A 75 1.97 28.49 -4.91
N ARG A 76 2.66 29.61 -4.77
CA ARG A 76 3.37 30.23 -5.90
C ARG A 76 4.51 29.34 -6.40
N PRO A 77 4.62 29.17 -7.73
CA PRO A 77 5.67 28.35 -8.33
C PRO A 77 7.02 28.61 -7.70
N SER A 78 7.37 29.89 -7.60
CA SER A 78 8.64 30.29 -7.00
C SER A 78 8.76 29.61 -5.63
N GLU A 79 7.67 29.61 -4.87
CA GLU A 79 7.65 29.01 -3.54
C GLU A 79 7.82 27.49 -3.61
N LEU A 80 6.95 26.81 -4.36
CA LEU A 80 7.02 25.36 -4.52
C LEU A 80 8.44 24.99 -4.92
N ARG A 81 9.02 25.82 -5.79
CA ARG A 81 10.38 25.63 -6.28
C ARG A 81 11.38 25.92 -5.16
N ARG A 82 10.96 26.67 -4.16
CA ARG A 82 11.83 26.97 -3.04
C ARG A 82 11.86 25.74 -2.13
N ILE A 83 10.67 25.23 -1.80
CA ILE A 83 10.55 24.05 -0.96
C ILE A 83 11.35 22.95 -1.62
N ALA A 84 11.21 22.87 -2.95
CA ALA A 84 11.91 21.87 -3.75
C ALA A 84 13.38 21.80 -3.40
N SER A 85 14.04 22.96 -3.42
CA SER A 85 15.47 23.07 -3.14
C SER A 85 15.86 22.81 -1.69
N GLN A 86 14.88 22.84 -0.79
CA GLN A 86 15.17 22.63 0.62
C GLN A 86 14.92 21.22 1.13
N VAL A 87 14.70 20.25 0.26
CA VAL A 87 14.45 18.87 0.72
C VAL A 87 15.68 18.36 1.47
N LYS A 88 15.51 18.11 2.76
CA LYS A 88 16.61 17.65 3.62
C LYS A 88 17.22 16.31 3.21
N TYR A 89 18.55 16.24 3.19
CA TYR A 89 19.27 15.01 2.85
C TYR A 89 18.99 13.98 3.91
N ALA A 90 18.78 12.73 3.51
CA ALA A 90 18.52 11.67 4.48
C ALA A 90 19.64 10.67 4.52
N GLY A 91 19.99 10.12 3.37
CA GLY A 91 21.04 9.14 3.31
C GLY A 91 20.78 8.03 4.31
N SER A 92 19.80 7.19 4.00
CA SER A 92 19.47 6.08 4.87
C SER A 92 20.19 4.87 4.35
N GLN A 93 20.37 3.87 5.21
CA GLN A 93 21.04 2.66 4.78
C GLN A 93 20.19 2.11 3.64
N VAL A 94 18.88 2.06 3.88
CA VAL A 94 17.93 1.56 2.88
C VAL A 94 16.85 2.54 2.48
N ALA A 95 16.59 2.64 1.17
CA ALA A 95 15.55 3.52 0.66
C ALA A 95 14.68 2.57 -0.16
N SER A 96 13.45 2.32 0.28
CA SER A 96 12.57 1.38 -0.41
C SER A 96 11.65 1.95 -1.50
N THR A 97 11.73 1.39 -2.71
CA THR A 97 10.90 1.82 -3.82
C THR A 97 9.48 1.25 -3.71
N SER A 98 9.38 0.03 -3.21
CA SER A 98 8.08 -0.60 -3.05
C SER A 98 7.28 0.27 -2.08
N GLU A 99 7.96 0.82 -1.08
CA GLU A 99 7.33 1.66 -0.08
C GLU A 99 6.82 2.96 -0.68
N VAL A 100 7.68 3.69 -1.38
CA VAL A 100 7.27 4.97 -1.95
C VAL A 100 6.14 4.79 -2.96
N LEU A 101 6.08 3.62 -3.58
CA LEU A 101 5.02 3.31 -4.54
C LEU A 101 3.74 3.01 -3.76
N LYS A 102 3.88 2.24 -2.69
CA LYS A 102 2.74 1.94 -1.83
C LYS A 102 2.19 3.30 -1.39
N TYR A 103 3.08 4.15 -0.89
CA TYR A 103 2.67 5.48 -0.46
C TYR A 103 2.03 6.24 -1.65
N THR A 104 2.63 6.11 -2.82
CA THR A 104 2.10 6.77 -4.00
C THR A 104 0.76 6.19 -4.45
N LEU A 105 0.61 4.87 -4.29
CA LEU A 105 -0.64 4.24 -4.70
C LEU A 105 -1.80 4.53 -3.74
N PHE A 106 -1.57 4.36 -2.44
CA PHE A 106 -2.63 4.56 -1.45
C PHE A 106 -2.82 5.97 -0.96
N GLN A 107 -1.76 6.77 -0.99
CA GLN A 107 -1.87 8.15 -0.51
C GLN A 107 -1.97 9.20 -1.60
N ILE A 108 -0.91 9.40 -2.36
CA ILE A 108 -0.93 10.42 -3.39
C ILE A 108 -2.04 10.28 -4.44
N PHE A 109 -2.34 9.05 -4.87
CA PHE A 109 -3.36 8.88 -5.90
C PHE A 109 -4.59 8.06 -5.50
N SER A 110 -4.98 8.12 -4.22
CA SER A 110 -6.14 7.38 -3.76
C SER A 110 -7.41 7.88 -4.45
N LYS A 111 -7.47 9.16 -4.79
CA LYS A 111 -8.64 9.71 -5.46
C LYS A 111 -8.23 10.34 -6.79
N ILE A 112 -8.72 9.81 -7.90
CA ILE A 112 -8.38 10.45 -9.16
C ILE A 112 -9.54 11.41 -9.41
N ASP A 113 -9.45 12.58 -8.77
CA ASP A 113 -10.46 13.63 -8.87
C ASP A 113 -10.23 14.62 -10.00
N ARG A 114 -9.06 14.58 -10.62
CA ARG A 114 -8.77 15.48 -11.73
C ARG A 114 -8.53 14.57 -12.94
N PRO A 115 -9.52 13.71 -13.28
CA PRO A 115 -9.41 12.78 -14.40
C PRO A 115 -9.00 13.37 -15.74
N GLU A 116 -9.39 14.61 -16.03
CA GLU A 116 -9.03 15.19 -17.30
C GLU A 116 -7.51 15.30 -17.49
N ALA A 117 -6.75 15.08 -16.42
CA ALA A 117 -5.30 15.22 -16.51
C ALA A 117 -4.47 13.95 -16.36
N SER A 118 -3.32 13.91 -17.04
CA SER A 118 -2.41 12.78 -16.96
C SER A 118 -1.72 12.74 -15.60
N ARG A 119 -1.44 11.53 -15.12
CA ARG A 119 -0.76 11.36 -13.84
C ARG A 119 0.56 10.62 -14.04
N ILE A 120 1.64 11.23 -13.56
CA ILE A 120 2.95 10.63 -13.69
C ILE A 120 3.72 10.70 -12.38
N ALA A 121 4.38 9.61 -12.05
CA ALA A 121 5.19 9.55 -10.83
C ALA A 121 6.64 9.41 -11.28
N LEU A 122 7.41 10.49 -11.21
CA LEU A 122 8.81 10.43 -11.61
C LEU A 122 9.57 9.76 -10.48
N LEU A 123 10.07 8.56 -10.76
CA LEU A 123 10.79 7.78 -9.77
C LEU A 123 12.32 7.78 -9.95
N LEU A 124 12.97 8.68 -9.23
CA LEU A 124 14.42 8.84 -9.25
C LEU A 124 15.05 7.85 -8.29
N MET A 125 15.62 6.77 -8.83
CA MET A 125 16.22 5.69 -8.04
C MET A 125 17.73 5.62 -8.15
N ALA A 126 18.40 5.48 -7.00
CA ALA A 126 19.84 5.37 -6.97
C ALA A 126 20.32 4.29 -5.99
N SER A 127 19.46 3.32 -5.68
CA SER A 127 19.80 2.24 -4.75
C SER A 127 18.95 1.00 -5.03
N GLN A 128 18.97 0.02 -4.12
CA GLN A 128 18.19 -1.22 -4.33
C GLN A 128 17.74 -1.90 -3.04
N GLU A 129 16.47 -1.75 -2.67
CA GLU A 129 15.96 -2.34 -1.45
C GLU A 129 16.18 -3.83 -1.42
N PRO A 130 16.23 -4.42 -0.22
CA PRO A 130 16.43 -5.86 -0.04
C PRO A 130 15.26 -6.60 -0.67
N GLN A 131 15.54 -7.78 -1.21
CA GLN A 131 14.56 -8.61 -1.87
C GLN A 131 13.33 -8.97 -1.01
N ARG A 132 13.44 -8.78 0.30
CA ARG A 132 12.34 -9.10 1.21
C ARG A 132 11.33 -7.97 1.32
N MET A 133 11.49 -6.93 0.53
CA MET A 133 10.58 -5.79 0.55
C MET A 133 9.88 -5.63 -0.82
N SER A 134 10.31 -6.41 -1.80
CA SER A 134 9.74 -6.31 -3.12
C SER A 134 8.60 -7.30 -3.34
N ARG A 135 8.18 -7.95 -2.27
CA ARG A 135 7.10 -8.92 -2.36
C ARG A 135 5.82 -8.35 -2.99
N ASN A 136 5.60 -7.05 -2.88
CA ASN A 136 4.40 -6.41 -3.43
C ASN A 136 4.70 -5.34 -4.48
N PHE A 137 5.97 -5.25 -4.90
CA PHE A 137 6.37 -4.26 -5.89
C PHE A 137 5.48 -4.30 -7.10
N VAL A 138 5.38 -5.44 -7.78
CA VAL A 138 4.52 -5.50 -8.96
C VAL A 138 3.05 -5.14 -8.66
N ARG A 139 2.51 -5.58 -7.51
CA ARG A 139 1.13 -5.26 -7.15
C ARG A 139 0.93 -3.76 -7.25
N TYR A 140 1.90 -3.02 -6.75
CA TYR A 140 1.78 -1.58 -6.79
C TYR A 140 1.82 -1.00 -8.20
N VAL A 141 2.85 -1.31 -8.96
CA VAL A 141 3.00 -0.78 -10.31
C VAL A 141 1.78 -1.12 -11.17
N GLN A 142 1.14 -2.25 -10.88
CA GLN A 142 -0.05 -2.67 -11.62
C GLN A 142 -1.23 -1.86 -11.07
N GLY A 143 -1.25 -1.70 -9.75
CA GLY A 143 -2.31 -0.94 -9.11
C GLY A 143 -2.22 0.49 -9.62
N LEU A 144 -1.02 1.05 -9.64
CA LEU A 144 -0.84 2.41 -10.14
C LEU A 144 -1.27 2.45 -11.60
N LYS A 145 -1.15 1.31 -12.30
CA LYS A 145 -1.54 1.24 -13.69
C LYS A 145 -3.05 1.22 -13.84
N LYS A 146 -3.71 0.57 -12.89
CA LYS A 146 -5.18 0.50 -12.87
C LYS A 146 -5.70 1.94 -12.79
N LYS A 147 -4.95 2.79 -12.11
CA LYS A 147 -5.32 4.19 -11.94
C LYS A 147 -4.79 5.12 -13.05
N LYS A 148 -4.28 4.56 -14.13
CA LYS A 148 -3.78 5.39 -15.21
C LYS A 148 -2.56 6.25 -14.81
N VAL A 149 -1.80 5.75 -13.86
CA VAL A 149 -0.60 6.43 -13.42
C VAL A 149 0.64 5.87 -14.16
N ILE A 150 1.26 6.70 -15.02
CA ILE A 150 2.46 6.23 -15.73
C ILE A 150 3.63 6.32 -14.75
N VAL A 151 4.51 5.32 -14.78
CA VAL A 151 5.68 5.36 -13.92
C VAL A 151 6.94 5.43 -14.78
N ILE A 152 7.70 6.49 -14.57
CA ILE A 152 8.93 6.71 -15.32
C ILE A 152 10.12 6.73 -14.37
N PRO A 153 10.84 5.60 -14.26
CA PRO A 153 12.00 5.49 -13.39
C PRO A 153 13.28 6.05 -13.99
N VAL A 154 14.08 6.68 -13.15
CA VAL A 154 15.32 7.26 -13.59
C VAL A 154 16.38 6.71 -12.65
N GLY A 155 17.13 5.72 -13.12
CA GLY A 155 18.18 5.12 -12.31
C GLY A 155 19.45 5.95 -12.33
N ILE A 156 20.02 6.23 -11.15
CA ILE A 156 21.24 7.02 -11.05
C ILE A 156 22.33 6.20 -10.38
N GLY A 157 23.39 5.88 -11.10
CA GLY A 157 24.49 5.14 -10.49
C GLY A 157 24.58 3.63 -10.62
N PRO A 158 25.73 3.05 -10.26
CA PRO A 158 25.98 1.61 -10.33
C PRO A 158 25.23 0.86 -9.23
N HIS A 159 24.48 1.62 -8.41
CA HIS A 159 23.71 1.05 -7.31
C HIS A 159 22.22 0.98 -7.58
N ALA A 160 21.75 1.67 -8.61
CA ALA A 160 20.33 1.67 -8.94
C ALA A 160 19.78 0.27 -9.20
N ASN A 161 18.54 0.06 -8.78
CA ASN A 161 17.84 -1.21 -8.93
C ASN A 161 17.37 -1.47 -10.36
N LEU A 162 18.31 -1.79 -11.24
CA LEU A 162 17.99 -2.06 -12.64
C LEU A 162 16.90 -3.12 -12.86
N LYS A 163 16.83 -4.13 -12.01
CA LYS A 163 15.81 -5.17 -12.18
C LYS A 163 14.41 -4.51 -12.15
N GLN A 164 14.17 -3.67 -11.14
CA GLN A 164 12.87 -3.00 -11.00
C GLN A 164 12.67 -1.97 -12.07
N ILE A 165 13.72 -1.25 -12.44
CA ILE A 165 13.58 -0.27 -13.49
C ILE A 165 13.06 -0.94 -14.77
N ARG A 166 13.65 -2.07 -15.15
CA ARG A 166 13.22 -2.76 -16.37
C ARG A 166 11.81 -3.35 -16.30
N LEU A 167 11.37 -3.75 -15.12
CA LEU A 167 10.03 -4.30 -14.98
C LEU A 167 8.97 -3.21 -15.17
N ILE A 168 9.23 -2.06 -14.53
CA ILE A 168 8.33 -0.92 -14.60
C ILE A 168 8.16 -0.55 -16.05
N GLU A 169 9.28 -0.43 -16.74
CA GLU A 169 9.27 -0.08 -18.14
C GLU A 169 8.49 -1.12 -18.95
N LYS A 170 8.43 -2.35 -18.47
CA LYS A 170 7.69 -3.40 -19.17
C LYS A 170 6.20 -3.49 -18.82
N GLN A 171 5.82 -2.99 -17.65
CA GLN A 171 4.44 -3.00 -17.15
C GLN A 171 3.47 -2.29 -18.06
N ALA A 172 3.94 -1.29 -18.77
CA ALA A 172 3.09 -0.54 -19.69
C ALA A 172 3.91 0.23 -20.72
N PRO A 173 3.29 0.55 -21.87
CA PRO A 173 3.97 1.29 -22.93
C PRO A 173 4.63 2.56 -22.39
N GLU A 174 3.78 3.54 -22.06
CA GLU A 174 4.21 4.84 -21.53
C GLU A 174 5.31 4.79 -20.49
N ASN A 175 5.37 3.71 -19.72
CA ASN A 175 6.39 3.58 -18.69
C ASN A 175 7.81 3.46 -19.24
N LYS A 176 8.38 4.56 -19.71
CA LYS A 176 9.74 4.55 -20.25
C LYS A 176 10.75 4.69 -19.11
N ALA A 177 12.00 4.28 -19.35
CA ALA A 177 13.02 4.37 -18.30
C ALA A 177 14.24 5.16 -18.74
N PHE A 178 14.92 5.79 -17.79
CA PHE A 178 16.12 6.55 -18.08
C PHE A 178 17.24 6.09 -17.15
N VAL A 179 18.16 5.28 -17.68
CA VAL A 179 19.27 4.80 -16.90
C VAL A 179 20.45 5.74 -17.05
N LEU A 180 20.92 6.31 -15.96
CA LEU A 180 22.06 7.23 -16.00
C LEU A 180 23.20 6.74 -15.11
N SER A 181 24.34 7.40 -15.20
CA SER A 181 25.51 7.00 -14.43
C SER A 181 25.80 7.83 -13.19
N SER A 182 25.42 9.10 -13.21
CA SER A 182 25.66 9.98 -12.07
C SER A 182 24.77 11.21 -12.08
N VAL A 183 24.47 11.72 -10.90
CA VAL A 183 23.62 12.90 -10.76
C VAL A 183 23.97 13.97 -11.78
N ASP A 184 25.20 13.96 -12.27
CA ASP A 184 25.63 14.95 -13.24
C ASP A 184 24.85 14.82 -14.54
N GLU A 185 24.77 13.61 -15.06
CA GLU A 185 24.07 13.36 -16.31
C GLU A 185 22.60 13.81 -16.33
N LEU A 186 22.08 14.24 -15.18
CA LEU A 186 20.69 14.67 -15.12
C LEU A 186 20.36 15.96 -15.86
N GLU A 187 21.02 17.08 -15.54
CA GLU A 187 20.71 18.33 -16.24
C GLU A 187 21.11 18.19 -17.69
N GLN A 188 21.98 17.22 -17.97
CA GLN A 188 22.41 16.99 -19.32
C GLN A 188 21.25 16.34 -20.08
N GLN A 189 20.42 15.57 -19.36
CA GLN A 189 19.25 14.89 -19.96
C GLN A 189 17.90 15.48 -19.56
N ARG A 190 17.92 16.53 -18.75
CA ARG A 190 16.70 17.18 -18.30
C ARG A 190 15.69 17.31 -19.43
N ASP A 191 16.06 18.04 -20.47
CA ASP A 191 15.15 18.26 -21.59
C ASP A 191 14.46 17.03 -22.18
N GLU A 192 15.21 15.96 -22.42
CA GLU A 192 14.61 14.76 -22.99
C GLU A 192 13.50 14.22 -22.09
N ILE A 193 13.81 14.10 -20.79
CA ILE A 193 12.84 13.60 -19.83
C ILE A 193 11.58 14.48 -19.78
N VAL A 194 11.76 15.76 -19.49
CA VAL A 194 10.63 16.68 -19.38
C VAL A 194 9.82 16.78 -20.67
N SER A 195 10.50 16.73 -21.81
CA SER A 195 9.80 16.82 -23.08
C SER A 195 9.00 15.54 -23.24
N TYR A 196 9.56 14.44 -22.74
CA TYR A 196 8.89 13.15 -22.81
C TYR A 196 7.70 13.16 -21.86
N LEU A 197 7.87 13.73 -20.67
CA LEU A 197 6.78 13.80 -19.68
C LEU A 197 5.66 14.70 -20.12
N CYS A 198 6.01 15.92 -20.51
CA CYS A 198 5.02 16.90 -20.94
C CYS A 198 4.15 16.38 -22.08
N ASP A 199 4.82 15.72 -23.02
CA ASP A 199 4.16 15.18 -24.19
C ASP A 199 3.28 13.96 -23.92
N LEU A 200 3.25 13.51 -22.68
CA LEU A 200 2.45 12.36 -22.31
C LEU A 200 1.11 12.84 -21.75
N ALA A 201 0.96 14.15 -21.68
CA ALA A 201 -0.25 14.76 -21.14
C ALA A 201 -1.13 15.38 -22.21
N PRO A 202 -2.43 15.51 -21.93
CA PRO A 202 -3.41 16.09 -22.84
C PRO A 202 -3.41 17.61 -22.79
N GLU A 203 -3.85 18.24 -23.87
CA GLU A 203 -3.92 19.69 -23.90
C GLU A 203 -5.26 20.12 -23.33
N ALA A 204 -5.37 21.36 -22.91
CA ALA A 204 -6.61 21.86 -22.35
C ALA A 204 -7.68 21.92 -23.44
N PRO A 205 -8.85 21.30 -23.19
CA PRO A 205 -9.98 21.25 -24.13
C PRO A 205 -10.45 22.61 -24.65
N PRO A 206 -10.09 23.72 -23.98
CA PRO A 206 -10.55 25.01 -24.52
C PRO A 206 -9.87 25.54 -25.80
N PRO A 207 -8.65 26.12 -25.73
CA PRO A 207 -7.64 26.43 -24.69
C PRO A 207 -8.06 27.50 -23.66
N THR A 208 -8.88 28.37 -24.02
N ASP B 1 -13.69 -19.67 -36.31
CA ASP B 1 -12.47 -19.94 -35.50
C ASP B 1 -12.75 -20.76 -34.24
N CYS B 2 -13.10 -20.08 -33.15
CA CYS B 2 -13.35 -20.75 -31.88
C CYS B 2 -14.76 -21.28 -31.63
N PRO B 3 -14.85 -22.50 -31.09
CA PRO B 3 -16.11 -23.19 -30.77
C PRO B 3 -17.05 -22.40 -29.89
N SER B 4 -18.32 -22.39 -30.27
CA SER B 4 -19.37 -21.68 -29.56
C SER B 4 -19.22 -21.64 -28.04
N GLY B 5 -19.10 -20.43 -27.51
CA GLY B 5 -18.98 -20.29 -26.07
C GLY B 5 -17.59 -19.95 -25.62
N TRP B 6 -16.67 -19.83 -26.56
CA TRP B 6 -15.30 -19.52 -26.23
C TRP B 6 -14.93 -18.21 -26.88
N SER B 7 -14.15 -17.38 -26.19
CA SER B 7 -13.70 -16.11 -26.74
C SER B 7 -12.35 -16.35 -27.39
N SER B 8 -12.04 -15.63 -28.46
CA SER B 8 -10.75 -15.85 -29.13
C SER B 8 -9.81 -14.66 -29.06
N TYR B 9 -8.52 -14.97 -29.02
CA TYR B 9 -7.47 -13.96 -28.96
C TYR B 9 -6.17 -14.51 -29.49
N GLU B 10 -5.64 -13.88 -30.55
CA GLU B 10 -4.39 -14.32 -31.14
C GLU B 10 -4.46 -15.76 -31.65
N GLY B 11 -5.48 -16.07 -32.42
CA GLY B 11 -5.59 -17.41 -32.94
C GLY B 11 -5.61 -18.46 -31.84
N ASN B 12 -6.31 -18.16 -30.75
CA ASN B 12 -6.44 -19.11 -29.65
C ASN B 12 -7.84 -19.05 -29.06
N CYS B 13 -8.28 -20.17 -28.50
CA CYS B 13 -9.60 -20.24 -27.91
C CYS B 13 -9.51 -20.28 -26.39
N TYR B 14 -10.11 -19.30 -25.74
CA TYR B 14 -10.07 -19.24 -24.28
C TYR B 14 -11.47 -19.37 -23.71
N LYS B 15 -11.57 -19.86 -22.48
CA LYS B 15 -12.87 -19.98 -21.85
C LYS B 15 -12.78 -20.13 -20.34
N PHE B 16 -13.59 -19.35 -19.65
CA PHE B 16 -13.64 -19.38 -18.19
C PHE B 16 -14.74 -20.34 -17.79
N PHE B 17 -14.41 -21.28 -16.92
CA PHE B 17 -15.40 -22.23 -16.47
C PHE B 17 -15.70 -22.04 -14.98
N GLN B 18 -16.96 -21.76 -14.66
CA GLN B 18 -17.33 -21.59 -13.28
C GLN B 18 -17.61 -22.97 -12.68
N GLN B 19 -16.55 -23.74 -12.45
CA GLN B 19 -16.69 -25.07 -11.88
C GLN B 19 -15.46 -25.30 -11.02
N LYS B 20 -15.64 -25.17 -9.71
CA LYS B 20 -14.55 -25.28 -8.75
C LYS B 20 -13.93 -26.66 -8.61
N MET B 21 -12.65 -26.77 -8.99
CA MET B 21 -11.89 -28.02 -8.92
C MET B 21 -10.47 -27.72 -8.44
N ASN B 22 -9.70 -28.75 -8.14
CA ASN B 22 -8.32 -28.57 -7.72
C ASN B 22 -7.53 -28.34 -9.02
N TRP B 23 -6.35 -27.73 -8.90
CA TRP B 23 -5.53 -27.45 -10.07
C TRP B 23 -5.39 -28.64 -11.01
N ALA B 24 -5.30 -29.84 -10.41
CA ALA B 24 -5.14 -31.08 -11.15
C ALA B 24 -6.35 -31.42 -11.99
N ASP B 25 -7.51 -31.49 -11.34
CA ASP B 25 -8.76 -31.81 -12.02
C ASP B 25 -9.16 -30.78 -13.09
N ALA B 26 -8.67 -29.56 -12.93
CA ALA B 26 -8.98 -28.50 -13.88
C ALA B 26 -8.19 -28.71 -15.20
N GLU B 27 -6.90 -29.01 -15.08
CA GLU B 27 -6.06 -29.23 -16.25
C GLU B 27 -6.65 -30.37 -17.08
N ARG B 28 -6.96 -31.48 -16.42
CA ARG B 28 -7.54 -32.61 -17.13
C ARG B 28 -8.85 -32.15 -17.78
N PHE B 29 -9.67 -31.43 -17.02
CA PHE B 29 -10.94 -30.93 -17.55
C PHE B 29 -10.67 -30.17 -18.85
N CYS B 30 -9.67 -29.28 -18.83
CA CYS B 30 -9.34 -28.52 -20.02
C CYS B 30 -8.89 -29.44 -21.14
N SER B 31 -8.02 -30.38 -20.78
CA SER B 31 -7.47 -31.33 -21.74
C SER B 31 -8.56 -32.05 -22.51
N GLU B 32 -9.55 -32.55 -21.78
CA GLU B 32 -10.64 -33.30 -22.40
C GLU B 32 -11.67 -32.40 -23.03
N GLN B 33 -11.54 -31.10 -22.77
CA GLN B 33 -12.45 -30.09 -23.29
C GLN B 33 -12.22 -29.79 -24.77
N ALA B 34 -10.97 -29.85 -25.20
CA ALA B 34 -10.64 -29.55 -26.59
C ALA B 34 -9.24 -30.03 -26.92
N LYS B 35 -9.01 -30.39 -28.19
CA LYS B 35 -7.70 -30.90 -28.64
C LYS B 35 -6.60 -29.87 -28.41
N GLY B 36 -5.64 -30.23 -27.58
CA GLY B 36 -4.57 -29.31 -27.27
C GLY B 36 -4.98 -28.47 -26.09
N GLY B 37 -6.08 -28.89 -25.47
CA GLY B 37 -6.59 -28.17 -24.33
C GLY B 37 -5.70 -28.21 -23.09
N HIS B 38 -5.61 -27.06 -22.41
CA HIS B 38 -4.83 -26.94 -21.20
C HIS B 38 -5.30 -25.70 -20.45
N LEU B 39 -4.83 -25.56 -19.21
CA LEU B 39 -5.15 -24.41 -18.42
C LEU B 39 -4.43 -23.26 -19.11
N VAL B 40 -5.11 -22.13 -19.22
CA VAL B 40 -4.55 -20.96 -19.89
C VAL B 40 -3.12 -20.65 -19.47
N SER B 41 -2.33 -20.20 -20.44
CA SER B 41 -0.93 -19.81 -20.23
C SER B 41 -0.91 -18.30 -20.54
N ILE B 42 -0.31 -17.51 -19.65
CA ILE B 42 -0.30 -16.07 -19.85
C ILE B 42 1.06 -15.46 -20.14
N LYS B 43 1.22 -14.93 -21.35
CA LYS B 43 2.48 -14.29 -21.72
C LYS B 43 2.63 -13.02 -20.88
N ILE B 44 3.41 -13.14 -19.79
CA ILE B 44 3.67 -12.07 -18.84
C ILE B 44 3.51 -10.63 -19.32
N TYR B 45 4.07 -10.30 -20.48
CA TYR B 45 3.95 -8.94 -20.99
C TYR B 45 3.27 -8.93 -22.36
N SER B 46 1.93 -8.84 -22.34
CA SER B 46 1.16 -8.81 -23.56
C SER B 46 -0.34 -8.53 -23.32
N LYS B 47 -1.03 -8.14 -24.39
CA LYS B 47 -2.45 -7.86 -24.30
C LYS B 47 -3.15 -9.11 -23.76
N GLU B 48 -2.47 -10.25 -23.84
CA GLU B 48 -3.04 -11.50 -23.33
C GLU B 48 -3.35 -11.42 -21.85
N LYS B 49 -2.45 -10.79 -21.07
CA LYS B 49 -2.66 -10.63 -19.64
C LYS B 49 -4.02 -9.97 -19.48
N ASP B 50 -4.18 -8.82 -20.11
CA ASP B 50 -5.44 -8.09 -20.04
C ASP B 50 -6.59 -8.94 -20.56
N PHE B 51 -6.42 -9.53 -21.73
CA PHE B 51 -7.45 -10.37 -22.34
C PHE B 51 -8.03 -11.40 -21.33
N VAL B 52 -7.19 -12.36 -20.92
CA VAL B 52 -7.61 -13.37 -19.95
C VAL B 52 -8.18 -12.66 -18.72
N GLY B 53 -7.68 -11.46 -18.47
CA GLY B 53 -8.14 -10.69 -17.33
C GLY B 53 -9.60 -10.30 -17.44
N ASP B 54 -9.93 -9.54 -18.48
CA ASP B 54 -11.31 -9.16 -18.67
C ASP B 54 -12.14 -10.44 -18.80
N LEU B 55 -11.67 -11.38 -19.62
CA LEU B 55 -12.38 -12.64 -19.84
C LEU B 55 -12.92 -13.24 -18.56
N VAL B 56 -12.14 -13.20 -17.49
CA VAL B 56 -12.62 -13.74 -16.22
C VAL B 56 -13.44 -12.64 -15.55
N THR B 57 -12.75 -11.71 -14.90
CA THR B 57 -13.38 -10.59 -14.20
C THR B 57 -14.79 -10.23 -14.63
N LYS B 58 -15.02 -10.15 -15.93
CA LYS B 58 -16.36 -9.81 -16.41
C LYS B 58 -17.25 -11.03 -16.59
N ASN B 59 -17.12 -12.02 -15.71
CA ASN B 59 -17.92 -13.23 -15.82
C ASN B 59 -17.83 -14.11 -14.59
N ILE B 60 -16.62 -14.26 -14.04
CA ILE B 60 -16.43 -15.08 -12.85
C ILE B 60 -17.41 -14.55 -11.84
N GLN B 61 -17.74 -13.28 -12.00
CA GLN B 61 -18.70 -12.61 -11.13
C GLN B 61 -19.02 -13.47 -9.91
N SER B 62 -18.34 -13.21 -8.79
CA SER B 62 -18.63 -14.01 -7.62
C SER B 62 -17.93 -13.53 -6.34
N SER B 63 -17.77 -14.48 -5.42
CA SER B 63 -17.13 -14.29 -4.13
C SER B 63 -15.78 -14.98 -4.23
N ASP B 64 -15.48 -15.51 -5.42
CA ASP B 64 -14.22 -16.21 -5.67
C ASP B 64 -13.08 -15.21 -5.75
N LEU B 65 -11.89 -15.65 -5.35
CA LEU B 65 -10.73 -14.79 -5.38
C LEU B 65 -9.67 -15.28 -6.35
N TYR B 66 -9.74 -16.56 -6.71
CA TYR B 66 -8.74 -17.13 -7.61
C TYR B 66 -9.31 -17.87 -8.80
N ALA B 67 -8.47 -17.96 -9.83
CA ALA B 67 -8.80 -18.70 -11.05
C ALA B 67 -7.53 -19.45 -11.44
N TRP B 68 -7.61 -20.78 -11.49
CA TRP B 68 -6.46 -21.61 -11.83
C TRP B 68 -5.89 -21.31 -13.22
N ILE B 69 -4.56 -21.22 -13.33
CA ILE B 69 -3.95 -21.03 -14.63
C ILE B 69 -3.02 -22.22 -14.86
N GLY B 70 -2.47 -22.32 -16.07
CA GLY B 70 -1.59 -23.43 -16.40
C GLY B 70 -0.23 -23.59 -15.73
N LEU B 71 0.35 -22.49 -15.27
CA LEU B 71 1.66 -22.52 -14.63
C LEU B 71 1.64 -23.22 -13.25
N ARG B 72 2.69 -23.98 -12.93
CA ARG B 72 2.81 -24.66 -11.63
C ARG B 72 4.27 -24.87 -11.25
N VAL B 73 4.55 -25.05 -9.95
CA VAL B 73 5.92 -25.31 -9.51
C VAL B 73 6.23 -26.70 -10.07
N GLU B 74 7.35 -26.83 -10.78
CA GLU B 74 7.69 -28.12 -11.38
C GLU B 74 8.59 -29.03 -10.56
N ASN B 75 9.20 -28.50 -9.50
CA ASN B 75 10.07 -29.29 -8.62
C ASN B 75 9.24 -30.37 -7.94
N LYS B 76 9.87 -31.50 -7.64
CA LYS B 76 9.17 -32.59 -7.00
C LYS B 76 9.05 -32.40 -5.49
N GLU B 77 10.01 -31.70 -4.90
CA GLU B 77 10.00 -31.47 -3.47
C GLU B 77 8.75 -30.73 -2.99
N LYS B 78 8.59 -30.65 -1.67
CA LYS B 78 7.45 -29.96 -1.11
C LYS B 78 7.79 -28.47 -1.12
N GLN B 79 9.06 -28.16 -0.90
CA GLN B 79 9.54 -26.79 -0.89
C GLN B 79 10.81 -26.76 -1.74
N CYS B 80 11.16 -25.61 -2.29
CA CYS B 80 12.32 -25.58 -3.16
C CYS B 80 13.61 -25.04 -2.60
N SER B 81 13.95 -25.42 -1.37
CA SER B 81 15.20 -24.97 -0.82
C SER B 81 16.00 -26.25 -0.58
N SER B 82 16.93 -26.53 -1.50
CA SER B 82 17.75 -27.73 -1.43
C SER B 82 18.71 -27.75 -0.25
N GLU B 83 19.19 -26.58 0.15
CA GLU B 83 20.10 -26.50 1.28
C GLU B 83 19.56 -25.59 2.38
N TRP B 84 20.08 -25.76 3.59
CA TRP B 84 19.69 -24.92 4.71
C TRP B 84 20.55 -23.67 4.64
N SER B 85 20.24 -22.71 5.49
CA SER B 85 20.99 -21.46 5.54
C SER B 85 22.42 -21.73 6.00
N ASP B 86 22.72 -22.99 6.27
CA ASP B 86 24.04 -23.38 6.74
C ASP B 86 24.77 -24.21 5.70
N GLY B 87 24.14 -24.39 4.54
CA GLY B 87 24.76 -25.16 3.48
C GLY B 87 24.42 -26.64 3.52
N SER B 88 24.14 -27.15 4.72
CA SER B 88 23.81 -28.55 4.88
C SER B 88 22.62 -28.89 4.00
N SER B 89 22.80 -29.87 3.10
CA SER B 89 21.75 -30.27 2.19
C SER B 89 20.52 -30.85 2.87
N VAL B 90 19.34 -30.40 2.44
CA VAL B 90 18.07 -30.87 2.98
C VAL B 90 17.76 -32.29 2.55
N SER B 91 17.57 -33.16 3.55
CA SER B 91 17.25 -34.56 3.34
C SER B 91 15.96 -34.90 4.09
N TYR B 92 16.02 -34.83 5.42
CA TYR B 92 14.87 -35.11 6.27
C TYR B 92 14.02 -33.86 6.43
N GLU B 93 12.90 -33.79 5.73
CA GLU B 93 12.00 -32.66 5.82
C GLU B 93 10.69 -33.10 6.45
N ASN B 94 9.96 -32.17 7.05
CA ASN B 94 8.70 -32.54 7.68
C ASN B 94 7.59 -31.49 7.50
N VAL B 95 7.41 -31.05 6.25
CA VAL B 95 6.44 -30.03 5.89
C VAL B 95 4.98 -30.44 6.04
N VAL B 96 4.17 -29.51 6.55
CA VAL B 96 2.73 -29.71 6.74
C VAL B 96 2.04 -29.60 5.37
N GLU B 97 1.80 -30.74 4.75
CA GLU B 97 1.18 -30.81 3.43
C GLU B 97 0.39 -29.57 2.99
N ARG B 98 -0.70 -29.27 3.69
CA ARG B 98 -1.55 -28.11 3.34
C ARG B 98 -0.84 -26.81 3.66
N THR B 99 0.28 -26.58 2.98
CA THR B 99 1.09 -25.39 3.20
C THR B 99 1.95 -25.25 1.96
N VAL B 100 2.04 -26.34 1.20
CA VAL B 100 2.80 -26.35 -0.02
C VAL B 100 1.91 -25.69 -1.09
N LYS B 101 2.37 -24.55 -1.60
CA LYS B 101 1.66 -23.79 -2.61
C LYS B 101 2.42 -23.97 -3.93
N LYS B 102 2.08 -25.01 -4.69
CA LYS B 102 2.76 -25.29 -5.95
C LYS B 102 1.98 -25.11 -7.23
N CYS B 103 0.82 -24.47 -7.16
CA CYS B 103 0.01 -24.24 -8.36
C CYS B 103 -0.36 -22.76 -8.46
N PHE B 104 -0.45 -22.23 -9.67
CA PHE B 104 -0.74 -20.82 -9.84
C PHE B 104 -2.13 -20.47 -10.35
N ALA B 105 -2.71 -19.43 -9.75
CA ALA B 105 -4.04 -18.96 -10.11
C ALA B 105 -4.04 -17.44 -10.22
N LEU B 106 -5.09 -16.89 -10.82
CA LEU B 106 -5.23 -15.44 -10.96
C LEU B 106 -5.97 -14.87 -9.76
N GLU B 107 -5.36 -13.88 -9.14
CA GLU B 107 -5.89 -13.18 -7.97
C GLU B 107 -7.09 -12.31 -8.40
N LYS B 108 -8.12 -12.24 -7.57
CA LYS B 108 -9.29 -11.44 -7.89
C LYS B 108 -8.93 -9.99 -7.95
N ASP B 109 -8.33 -9.50 -6.86
CA ASP B 109 -7.91 -8.12 -6.75
C ASP B 109 -7.22 -7.63 -8.01
N LEU B 110 -7.48 -6.38 -8.37
CA LEU B 110 -6.87 -5.79 -9.54
C LEU B 110 -7.41 -6.24 -10.91
N GLY B 111 -8.22 -7.30 -10.93
CA GLY B 111 -8.80 -7.73 -12.19
C GLY B 111 -8.37 -9.05 -12.75
N PHE B 112 -7.88 -9.95 -11.90
CA PHE B 112 -7.43 -11.26 -12.34
C PHE B 112 -6.30 -11.10 -13.34
N VAL B 113 -5.34 -10.29 -12.91
CA VAL B 113 -4.16 -9.95 -13.69
C VAL B 113 -2.86 -10.44 -13.02
N LEU B 114 -2.79 -10.38 -11.69
CA LEU B 114 -1.59 -10.82 -10.99
C LEU B 114 -1.68 -12.31 -10.66
N TRP B 115 -0.54 -13.00 -10.63
CA TRP B 115 -0.50 -14.43 -10.33
C TRP B 115 -0.18 -14.70 -8.87
N ILE B 116 -0.57 -15.87 -8.40
CA ILE B 116 -0.27 -16.26 -7.03
C ILE B 116 -0.26 -17.78 -6.93
N ASN B 117 0.60 -18.32 -6.07
CA ASN B 117 0.65 -19.77 -5.87
C ASN B 117 -0.18 -20.18 -4.66
N LEU B 118 -0.95 -21.25 -4.83
CA LEU B 118 -1.83 -21.76 -3.79
C LEU B 118 -1.65 -23.25 -3.62
N TYR B 119 -2.23 -23.78 -2.55
CA TYR B 119 -2.23 -25.22 -2.22
C TYR B 119 -3.10 -25.86 -3.29
N CYS B 120 -2.46 -26.55 -4.23
CA CYS B 120 -3.17 -27.17 -5.36
C CYS B 120 -4.51 -27.86 -5.04
N ALA B 121 -4.65 -28.38 -3.82
CA ALA B 121 -5.88 -29.07 -3.40
C ALA B 121 -7.11 -28.21 -3.53
N GLN B 122 -6.89 -26.92 -3.33
CA GLN B 122 -7.92 -25.90 -3.40
C GLN B 122 -8.82 -25.94 -4.63
N LYS B 123 -10.14 -25.93 -4.39
CA LYS B 123 -11.15 -25.96 -5.46
C LYS B 123 -11.55 -24.56 -5.89
N ASN B 124 -11.04 -24.12 -7.04
CA ASN B 124 -11.35 -22.80 -7.57
C ASN B 124 -11.76 -22.99 -9.02
N PRO B 125 -12.41 -21.97 -9.62
CA PRO B 125 -12.82 -22.05 -11.03
C PRO B 125 -11.55 -21.83 -11.86
N PHE B 126 -11.61 -22.02 -13.17
CA PHE B 126 -10.42 -21.91 -13.99
C PHE B 126 -10.67 -21.36 -15.38
N VAL B 127 -9.60 -21.20 -16.16
CA VAL B 127 -9.69 -20.71 -17.53
C VAL B 127 -8.93 -21.67 -18.44
N CYS B 128 -9.59 -22.21 -19.47
CA CYS B 128 -8.88 -23.11 -20.40
C CYS B 128 -8.46 -22.34 -21.62
N LYS B 129 -7.45 -22.86 -22.30
CA LYS B 129 -6.93 -22.25 -23.51
C LYS B 129 -6.67 -23.42 -24.42
N SER B 130 -6.93 -23.23 -25.70
CA SER B 130 -6.74 -24.29 -26.67
C SER B 130 -6.59 -23.63 -28.02
N PRO B 131 -5.87 -24.28 -28.93
CA PRO B 131 -5.68 -23.72 -30.27
C PRO B 131 -6.98 -23.94 -31.10
N PRO B 132 -7.27 -23.06 -32.07
CA PRO B 132 -8.49 -23.24 -32.86
C PRO B 132 -8.64 -24.68 -33.34
N PRO B 133 -9.79 -25.28 -33.03
CA PRO B 133 -10.09 -26.67 -33.40
C PRO B 133 -10.03 -26.90 -34.89
N ASP C 1 30.34 -28.62 25.75
CA ASP C 1 31.40 -27.96 24.92
C ASP C 1 30.82 -26.75 24.19
N CYS C 2 30.06 -25.94 24.91
CA CYS C 2 29.44 -24.76 24.32
C CYS C 2 29.29 -23.64 25.33
N PRO C 3 29.67 -22.40 24.94
CA PRO C 3 29.55 -21.27 25.86
C PRO C 3 28.20 -21.23 26.57
N PRO C 4 28.16 -20.66 27.77
CA PRO C 4 26.95 -20.53 28.61
C PRO C 4 25.68 -20.06 27.90
N ASP C 5 24.55 -20.28 28.56
CA ASP C 5 23.23 -19.91 28.04
C ASP C 5 22.80 -20.78 26.87
N TRP C 6 23.77 -21.42 26.22
CA TRP C 6 23.49 -22.27 25.08
C TRP C 6 23.23 -23.71 25.45
N SER C 7 23.76 -24.63 24.65
CA SER C 7 23.58 -26.06 24.89
C SER C 7 24.53 -26.85 23.99
N SER C 8 24.34 -28.15 23.91
CA SER C 8 25.22 -28.98 23.08
C SER C 8 24.51 -30.25 22.61
N TYR C 9 24.88 -30.72 21.43
CA TYR C 9 24.28 -31.92 20.85
C TYR C 9 25.04 -32.37 19.61
N GLU C 10 25.35 -33.67 19.55
CA GLU C 10 26.07 -34.23 18.41
C GLU C 10 27.23 -33.36 17.96
N GLY C 11 27.81 -32.62 18.89
CA GLY C 11 28.93 -31.76 18.53
C GLY C 11 28.54 -30.38 18.07
N HIS C 12 27.27 -30.03 18.25
CA HIS C 12 26.79 -28.71 17.85
C HIS C 12 26.31 -27.89 19.05
N CYS C 13 26.28 -26.58 18.87
CA CYS C 13 25.84 -25.67 19.93
C CYS C 13 24.56 -24.95 19.54
N TYR C 14 23.43 -25.42 20.06
CA TYR C 14 22.16 -24.79 19.75
C TYR C 14 21.80 -23.80 20.84
N ARG C 15 20.87 -22.90 20.55
CA ARG C 15 20.44 -21.89 21.50
C ARG C 15 19.14 -21.26 21.06
N PHE C 16 18.15 -21.23 21.95
CA PHE C 16 16.86 -20.65 21.61
C PHE C 16 16.81 -19.19 22.03
N PHE C 17 16.20 -18.37 21.19
CA PHE C 17 16.06 -16.94 21.43
C PHE C 17 14.58 -16.57 21.40
N LYS C 18 14.15 -15.84 22.42
CA LYS C 18 12.75 -15.42 22.52
C LYS C 18 12.59 -14.05 21.88
N GLU C 19 13.57 -13.66 21.06
CA GLU C 19 13.51 -12.38 20.37
C GLU C 19 12.68 -12.50 19.10
N TRP C 20 11.85 -11.50 18.84
CA TRP C 20 10.95 -11.50 17.70
C TRP C 20 11.40 -10.76 16.46
N MET C 21 11.48 -11.48 15.35
CA MET C 21 11.88 -10.87 14.09
C MET C 21 11.60 -11.80 12.91
N HIS C 22 11.55 -11.22 11.71
CA HIS C 22 11.30 -11.95 10.47
C HIS C 22 12.50 -12.80 10.06
N TRP C 23 12.26 -13.83 9.26
CA TRP C 23 13.32 -14.74 8.85
C TRP C 23 14.67 -14.10 8.57
N ASP C 24 14.72 -13.12 7.69
CA ASP C 24 15.99 -12.50 7.38
C ASP C 24 16.67 -11.90 8.60
N ASP C 25 15.90 -11.36 9.53
CA ASP C 25 16.51 -10.78 10.72
C ASP C 25 16.98 -11.86 11.69
N ALA C 26 16.29 -13.00 11.69
CA ALA C 26 16.66 -14.11 12.57
C ALA C 26 18.02 -14.67 12.15
N GLU C 27 18.18 -14.94 10.86
CA GLU C 27 19.44 -15.45 10.35
C GLU C 27 20.55 -14.49 10.75
N GLU C 28 20.43 -13.23 10.31
CA GLU C 28 21.39 -12.19 10.61
C GLU C 28 21.85 -12.38 12.06
N PHE C 29 20.92 -12.22 12.98
CA PHE C 29 21.18 -12.38 14.41
C PHE C 29 21.99 -13.65 14.63
N CYS C 30 21.37 -14.81 14.42
CA CYS C 30 22.05 -16.10 14.60
C CYS C 30 23.51 -16.07 14.20
N THR C 31 23.82 -15.43 13.08
CA THR C 31 25.20 -15.39 12.61
C THR C 31 26.04 -14.55 13.56
N GLU C 32 25.58 -13.33 13.83
CA GLU C 32 26.29 -12.41 14.72
C GLU C 32 26.46 -12.95 16.15
N GLN C 33 25.64 -13.92 16.51
CA GLN C 33 25.69 -14.51 17.85
C GLN C 33 26.92 -15.35 18.10
N GLN C 34 27.48 -15.93 17.04
CA GLN C 34 28.68 -16.76 17.17
C GLN C 34 29.20 -17.18 15.80
N THR C 35 30.38 -16.68 15.45
CA THR C 35 31.00 -16.98 14.17
C THR C 35 30.80 -18.41 13.67
N GLY C 36 30.13 -18.53 12.52
CA GLY C 36 29.88 -19.83 11.93
C GLY C 36 28.52 -20.41 12.29
N ALA C 37 27.55 -19.54 12.57
CA ALA C 37 26.22 -20.00 12.93
C ALA C 37 25.13 -19.39 12.07
N HIS C 38 24.02 -20.11 11.96
CA HIS C 38 22.86 -19.68 11.18
C HIS C 38 21.62 -20.17 11.95
N LEU C 39 20.48 -20.28 11.26
CA LEU C 39 19.27 -20.77 11.91
C LEU C 39 19.31 -22.30 12.02
N VAL C 40 18.69 -22.84 13.06
CA VAL C 40 18.68 -24.29 13.25
C VAL C 40 18.34 -25.04 11.96
N SER C 41 19.13 -26.07 11.65
CA SER C 41 18.91 -26.87 10.43
C SER C 41 18.68 -28.35 10.72
N PHE C 42 17.44 -28.71 11.03
CA PHE C 42 17.06 -30.10 11.32
C PHE C 42 17.50 -31.12 10.28
N GLN C 43 18.56 -31.87 10.61
CA GLN C 43 19.09 -32.89 9.71
C GLN C 43 18.57 -34.28 10.03
N SER C 44 18.01 -34.46 11.22
CA SER C 44 17.49 -35.76 11.63
C SER C 44 16.39 -35.63 12.68
N LYS C 45 15.45 -36.57 12.67
CA LYS C 45 14.35 -36.55 13.62
C LYS C 45 14.84 -36.32 15.05
N GLU C 46 15.73 -37.19 15.53
CA GLU C 46 16.27 -37.08 16.88
C GLU C 46 16.86 -35.70 17.16
N GLU C 47 17.22 -34.98 16.10
CA GLU C 47 17.78 -33.64 16.26
C GLU C 47 16.65 -32.67 16.55
N ALA C 48 15.55 -32.81 15.82
CA ALA C 48 14.39 -31.96 16.00
C ALA C 48 13.79 -32.17 17.38
N ASP C 49 14.23 -33.22 18.07
CA ASP C 49 13.70 -33.50 19.39
C ASP C 49 14.44 -32.68 20.45
N PHE C 50 15.75 -32.53 20.29
CA PHE C 50 16.52 -31.76 21.27
C PHE C 50 16.19 -30.27 21.22
N VAL C 51 16.02 -29.74 20.00
CA VAL C 51 15.69 -28.33 19.85
C VAL C 51 14.32 -28.10 20.48
N ARG C 52 13.52 -29.17 20.50
CA ARG C 52 12.18 -29.14 21.06
C ARG C 52 12.23 -28.79 22.55
N SER C 53 13.36 -29.05 23.18
CA SER C 53 13.53 -28.78 24.60
C SER C 53 14.01 -27.37 24.93
N LEU C 54 14.96 -26.86 24.16
CA LEU C 54 15.50 -25.51 24.39
C LEU C 54 14.38 -24.49 24.29
N THR C 55 13.22 -24.94 23.83
CA THR C 55 12.06 -24.08 23.66
C THR C 55 11.50 -23.65 25.01
N SER C 56 10.40 -24.28 25.43
CA SER C 56 9.74 -23.98 26.71
C SER C 56 9.95 -22.56 27.22
N GLU C 57 9.02 -21.68 26.86
CA GLU C 57 9.06 -20.28 27.26
C GLU C 57 8.08 -19.58 26.32
N MET C 58 7.60 -20.36 25.35
CA MET C 58 6.66 -19.86 24.35
C MET C 58 5.33 -20.63 24.38
N LEU C 59 4.29 -19.97 23.87
CA LEU C 59 2.95 -20.53 23.82
C LEU C 59 2.86 -21.76 22.91
N LYS C 60 2.04 -22.72 23.31
CA LYS C 60 1.86 -23.93 22.51
C LYS C 60 1.12 -23.52 21.23
N GLY C 61 1.60 -24.01 20.09
CA GLY C 61 0.99 -23.64 18.84
C GLY C 61 1.95 -22.82 18.00
N ASP C 62 2.74 -21.99 18.67
CA ASP C 62 3.72 -21.15 17.99
C ASP C 62 4.77 -21.94 17.22
N VAL C 63 5.59 -21.22 16.46
CA VAL C 63 6.66 -21.82 15.65
C VAL C 63 7.95 -21.02 15.81
N VAL C 64 9.04 -21.56 15.29
CA VAL C 64 10.32 -20.86 15.36
C VAL C 64 10.96 -20.84 13.97
N TRP C 65 11.70 -19.79 13.67
CA TRP C 65 12.35 -19.70 12.37
C TRP C 65 13.47 -20.72 12.24
N ILE C 66 13.57 -21.36 11.08
CA ILE C 66 14.61 -22.34 10.86
C ILE C 66 15.28 -22.21 9.49
N GLY C 67 16.45 -22.83 9.37
CA GLY C 67 17.26 -22.80 8.16
C GLY C 67 16.73 -22.65 6.73
N LEU C 68 15.44 -22.80 6.48
CA LEU C 68 14.97 -22.68 5.09
C LEU C 68 14.24 -21.38 4.79
N SER C 69 14.64 -20.69 3.72
CA SER C 69 14.01 -19.42 3.35
C SER C 69 13.63 -19.27 1.86
N ASP C 70 12.63 -18.43 1.59
CA ASP C 70 12.14 -18.19 0.23
C ASP C 70 12.04 -19.50 -0.55
N VAL C 71 11.20 -20.41 -0.07
CA VAL C 71 11.05 -21.72 -0.70
C VAL C 71 10.18 -21.84 -1.93
N TRP C 72 9.64 -20.74 -2.45
CA TRP C 72 8.80 -20.81 -3.65
C TRP C 72 9.46 -20.16 -4.87
N ASN C 73 10.32 -19.18 -4.64
CA ASN C 73 10.97 -18.53 -5.75
C ASN C 73 12.18 -19.32 -6.20
N LYS C 74 12.73 -20.12 -5.29
CA LYS C 74 13.88 -20.94 -5.62
C LYS C 74 13.45 -22.08 -6.55
N CYS C 75 12.14 -22.16 -6.79
CA CYS C 75 11.57 -23.20 -7.62
C CYS C 75 11.80 -23.06 -9.13
N ARG C 76 11.43 -24.10 -9.88
CA ARG C 76 11.56 -24.17 -11.33
C ARG C 76 10.12 -24.35 -11.81
N PHE C 77 9.58 -23.36 -12.51
CA PHE C 77 8.18 -23.41 -12.97
C PHE C 77 7.98 -23.97 -14.37
N GLU C 78 6.74 -24.32 -14.69
CA GLU C 78 6.42 -24.81 -16.02
C GLU C 78 4.93 -24.74 -16.33
N TRP C 79 4.62 -24.53 -17.61
CA TRP C 79 3.23 -24.43 -18.08
C TRP C 79 2.75 -25.74 -18.67
N THR C 80 1.63 -26.24 -18.18
CA THR C 80 1.09 -27.51 -18.66
C THR C 80 1.01 -27.60 -20.19
N ASP C 81 1.12 -26.46 -20.87
CA ASP C 81 1.03 -26.45 -22.33
C ASP C 81 2.41 -26.28 -22.97
N GLY C 82 3.45 -26.42 -22.17
CA GLY C 82 4.79 -26.30 -22.69
C GLY C 82 5.34 -24.90 -22.91
N MET C 83 4.48 -23.89 -22.92
CA MET C 83 4.92 -22.49 -23.15
C MET C 83 6.19 -22.10 -22.40
N GLU C 84 7.27 -21.82 -23.14
CA GLU C 84 8.49 -21.42 -22.46
C GLU C 84 8.47 -19.94 -22.16
N PHE C 85 9.31 -19.51 -21.23
CA PHE C 85 9.36 -18.12 -20.82
C PHE C 85 10.78 -17.85 -20.35
N ASP C 86 11.03 -16.63 -19.87
CA ASP C 86 12.34 -16.23 -19.35
C ASP C 86 12.24 -15.83 -17.88
N TYR C 87 12.81 -16.66 -17.01
CA TYR C 87 12.78 -16.42 -15.57
C TYR C 87 12.99 -14.97 -15.16
N ASP C 88 13.56 -14.17 -16.04
CA ASP C 88 13.78 -12.78 -15.69
C ASP C 88 12.47 -12.00 -15.60
N ASP C 89 11.53 -12.33 -16.48
CA ASP C 89 10.24 -11.65 -16.49
C ASP C 89 9.41 -12.04 -15.26
N TYR C 90 9.78 -13.15 -14.61
CA TYR C 90 9.08 -13.60 -13.42
C TYR C 90 9.73 -13.05 -12.14
N TYR C 91 9.42 -11.80 -11.80
CA TYR C 91 9.98 -11.14 -10.61
C TYR C 91 9.23 -11.53 -9.34
N LEU C 92 9.91 -12.20 -8.43
CA LEU C 92 9.29 -12.62 -7.18
C LEU C 92 7.83 -13.02 -7.35
N ILE C 93 7.48 -13.69 -8.46
CA ILE C 93 6.07 -14.04 -8.70
C ILE C 93 5.40 -15.03 -7.75
N ALA C 94 6.21 -15.75 -6.96
CA ALA C 94 5.64 -16.70 -6.02
C ALA C 94 5.67 -16.05 -4.65
N GLU C 95 4.86 -16.56 -3.73
CA GLU C 95 4.80 -16.02 -2.37
C GLU C 95 6.16 -16.10 -1.68
N TYR C 96 6.53 -15.05 -0.96
CA TYR C 96 7.81 -15.05 -0.26
C TYR C 96 7.64 -15.61 1.13
N GLU C 97 7.89 -16.90 1.29
CA GLU C 97 7.75 -17.54 2.60
C GLU C 97 8.95 -18.36 3.06
N CYS C 98 9.02 -18.54 4.37
CA CYS C 98 10.10 -19.28 4.99
C CYS C 98 9.46 -20.42 5.78
N VAL C 99 10.28 -21.37 6.24
CA VAL C 99 9.80 -22.52 6.99
C VAL C 99 9.98 -22.36 8.50
N ALA C 100 9.00 -22.83 9.26
CA ALA C 100 9.04 -22.74 10.72
C ALA C 100 8.58 -24.04 11.37
N SER C 101 9.30 -24.46 12.41
CA SER C 101 9.01 -25.68 13.13
C SER C 101 8.14 -25.40 14.35
N LYS C 102 7.22 -26.32 14.63
CA LYS C 102 6.31 -26.22 15.77
C LYS C 102 6.61 -27.35 16.74
N PRO C 103 7.38 -27.05 17.80
CA PRO C 103 7.77 -28.01 18.83
C PRO C 103 6.67 -29.00 19.24
N THR C 104 5.53 -28.45 19.62
CA THR C 104 4.36 -29.23 20.04
C THR C 104 4.27 -30.59 19.36
N ASN C 105 4.48 -30.63 18.05
CA ASN C 105 4.41 -31.87 17.30
C ASN C 105 5.46 -31.92 16.20
N ASN C 106 6.44 -31.05 16.32
CA ASN C 106 7.54 -30.94 15.37
C ASN C 106 7.16 -31.07 13.89
N LYS C 107 6.12 -30.36 13.49
CA LYS C 107 5.71 -30.36 12.09
C LYS C 107 6.03 -28.97 11.53
N TRP C 108 6.69 -28.93 10.37
CA TRP C 108 7.10 -27.69 9.74
C TRP C 108 5.96 -26.92 9.08
N TRP C 109 6.10 -25.59 9.03
CA TRP C 109 5.08 -24.75 8.42
C TRP C 109 5.70 -23.68 7.51
N ILE C 110 5.30 -23.72 6.25
CA ILE C 110 5.81 -22.75 5.31
C ILE C 110 4.85 -21.56 5.42
N ILE C 111 5.37 -20.46 5.96
CA ILE C 111 4.58 -19.25 6.18
C ILE C 111 5.35 -18.01 5.71
N PRO C 112 4.65 -16.86 5.56
CA PRO C 112 5.24 -15.58 5.12
C PRO C 112 6.50 -15.20 5.89
N CYS C 113 7.61 -15.01 5.21
CA CYS C 113 8.86 -14.66 5.89
C CYS C 113 8.74 -13.36 6.66
N THR C 114 7.88 -12.46 6.22
CA THR C 114 7.73 -11.16 6.87
C THR C 114 7.40 -11.27 8.35
N ARG C 115 6.54 -12.20 8.71
CA ARG C 115 6.13 -12.37 10.09
C ARG C 115 7.27 -12.50 11.10
N PHE C 116 7.04 -11.96 12.29
CA PHE C 116 7.99 -11.95 13.41
C PHE C 116 7.83 -13.19 14.31
N LYS C 117 8.91 -13.95 14.48
CA LYS C 117 8.88 -15.15 15.32
C LYS C 117 10.18 -15.29 16.13
N ASN C 118 10.24 -16.35 16.93
CA ASN C 118 11.42 -16.67 17.73
C ASN C 118 12.22 -17.65 16.88
N PHE C 119 13.44 -17.99 17.30
CA PHE C 119 14.25 -18.90 16.52
C PHE C 119 15.41 -19.50 17.31
N VAL C 120 15.94 -20.63 16.82
CA VAL C 120 17.05 -21.33 17.47
C VAL C 120 18.31 -21.29 16.59
N CYS C 121 19.45 -20.94 17.19
CA CYS C 121 20.71 -20.88 16.44
C CYS C 121 21.63 -22.07 16.76
N GLU C 122 22.30 -22.59 15.74
CA GLU C 122 23.23 -23.70 15.93
C GLU C 122 24.54 -23.43 15.18
N PHE C 123 25.59 -24.15 15.55
CA PHE C 123 26.89 -24.02 14.91
C PHE C 123 27.85 -25.08 15.47
N GLN C 124 28.94 -25.33 14.74
CA GLN C 124 29.92 -26.33 15.16
C GLN C 124 31.36 -25.83 15.17
N ALA C 125 32.03 -26.01 16.30
CA ALA C 125 33.41 -25.61 16.46
C ALA C 125 34.22 -26.88 16.74
N HIS D 1 -16.33 38.33 -11.19
CA HIS D 1 -17.25 38.41 -10.02
C HIS D 1 -16.73 39.44 -9.01
N PRO D 2 -17.63 40.28 -8.47
CA PRO D 2 -17.30 41.32 -7.49
C PRO D 2 -16.62 40.89 -6.20
N ILE D 3 -16.76 39.62 -5.82
CA ILE D 3 -16.14 39.14 -4.57
C ILE D 3 -15.22 37.93 -4.72
N CYS D 4 -15.74 36.85 -5.32
CA CYS D 4 -14.98 35.60 -5.48
C CYS D 4 -14.34 35.46 -6.87
N GLU D 5 -13.26 34.69 -6.94
CA GLU D 5 -12.52 34.43 -8.18
C GLU D 5 -12.99 33.12 -8.84
N VAL D 6 -13.31 33.20 -10.13
CA VAL D 6 -13.79 32.03 -10.85
C VAL D 6 -12.83 31.60 -11.95
N SER D 7 -12.81 30.29 -12.23
CA SER D 7 -11.94 29.74 -13.25
C SER D 7 -12.51 28.43 -13.82
N LYS D 8 -12.66 28.41 -15.15
CA LYS D 8 -13.20 27.25 -15.84
C LYS D 8 -12.08 26.36 -16.40
N VAL D 9 -12.14 25.08 -16.07
CA VAL D 9 -11.16 24.10 -16.53
C VAL D 9 -11.80 22.72 -16.53
N ALA D 10 -11.85 22.08 -17.69
CA ALA D 10 -12.46 20.75 -17.82
C ALA D 10 -13.93 20.74 -17.40
N SER D 11 -14.31 19.73 -16.63
CA SER D 11 -15.70 19.60 -16.19
C SER D 11 -16.03 20.46 -14.98
N HIS D 12 -15.01 21.11 -14.41
CA HIS D 12 -15.22 21.93 -13.23
C HIS D 12 -15.14 23.45 -13.34
N LEU D 13 -15.98 24.09 -12.54
CA LEU D 13 -16.05 25.54 -12.45
C LEU D 13 -15.56 25.80 -11.03
N GLU D 14 -14.37 26.37 -10.90
CA GLU D 14 -13.81 26.64 -9.58
C GLU D 14 -13.92 28.11 -9.23
N VAL D 15 -14.60 28.39 -8.11
CA VAL D 15 -14.81 29.74 -7.63
C VAL D 15 -14.23 29.89 -6.23
N ASN D 16 -13.23 30.76 -6.10
CA ASN D 16 -12.60 31.00 -4.81
C ASN D 16 -13.20 32.19 -4.07
N CYS D 17 -13.50 31.98 -2.79
CA CYS D 17 -14.05 33.04 -1.97
C CYS D 17 -13.24 33.09 -0.68
N ASP D 18 -12.36 32.11 -0.47
CA ASP D 18 -11.54 32.04 0.74
C ASP D 18 -10.71 33.28 1.04
N LYS D 19 -10.31 33.44 2.30
CA LYS D 19 -9.54 34.60 2.73
C LYS D 19 -10.23 35.83 2.15
N ARG D 20 -11.41 36.13 2.65
CA ARG D 20 -12.19 37.27 2.14
C ARG D 20 -13.03 37.84 3.27
N GLN D 21 -12.85 37.24 4.45
CA GLN D 21 -13.59 37.61 5.65
C GLN D 21 -15.07 37.86 5.32
N LEU D 22 -15.68 36.86 4.69
CA LEU D 22 -17.09 36.92 4.33
C LEU D 22 -17.84 36.40 5.54
N THR D 23 -19.03 36.92 5.76
CA THR D 23 -19.83 36.50 6.89
C THR D 23 -21.05 35.70 6.43
N ALA D 24 -21.26 35.69 5.13
CA ALA D 24 -22.38 34.98 4.50
C ALA D 24 -22.02 34.57 3.09
N LEU D 25 -22.81 33.69 2.50
CA LEU D 25 -22.56 33.24 1.15
C LEU D 25 -22.72 34.41 0.18
N PRO D 26 -21.64 34.77 -0.55
CA PRO D 26 -21.74 35.89 -1.49
C PRO D 26 -22.88 35.67 -2.50
N PRO D 27 -23.39 36.76 -3.09
CA PRO D 27 -24.48 36.68 -4.07
C PRO D 27 -23.99 36.59 -5.51
N ASP D 28 -24.89 36.16 -6.40
CA ASP D 28 -24.59 36.05 -7.82
C ASP D 28 -23.39 35.17 -8.14
N LEU D 29 -23.32 34.01 -7.50
CA LEU D 29 -22.22 33.06 -7.75
C LEU D 29 -22.51 32.32 -9.05
N PRO D 30 -21.46 32.03 -9.83
CA PRO D 30 -21.66 31.31 -11.09
C PRO D 30 -22.60 30.12 -10.86
N LYS D 31 -23.58 29.97 -11.75
CA LYS D 31 -24.57 28.90 -11.67
C LYS D 31 -24.00 27.49 -11.81
N ASP D 32 -22.97 27.32 -12.63
CA ASP D 32 -22.37 26.01 -12.83
C ASP D 32 -21.17 25.71 -11.93
N THR D 33 -21.23 26.19 -10.69
CA THR D 33 -20.16 25.98 -9.72
C THR D 33 -20.00 24.50 -9.42
N THR D 34 -18.79 23.97 -9.60
CA THR D 34 -18.52 22.56 -9.33
C THR D 34 -17.90 22.39 -7.94
N ILE D 35 -16.97 23.30 -7.60
CA ILE D 35 -16.32 23.29 -6.30
C ILE D 35 -16.38 24.69 -5.69
N LEU D 36 -16.69 24.75 -4.39
CA LEU D 36 -16.79 26.03 -3.68
C LEU D 36 -15.83 26.18 -2.49
N HIS D 37 -15.02 27.24 -2.55
CA HIS D 37 -14.07 27.53 -1.49
C HIS D 37 -14.55 28.68 -0.58
N LEU D 38 -15.10 28.31 0.57
CA LEU D 38 -15.55 29.29 1.55
C LEU D 38 -14.60 29.18 2.72
N SER D 39 -13.45 28.57 2.45
CA SER D 39 -12.41 28.35 3.44
C SER D 39 -11.83 29.68 3.91
N GLU D 40 -11.33 29.65 5.14
CA GLU D 40 -10.73 30.83 5.77
C GLU D 40 -11.60 32.08 5.69
N ASN D 41 -12.77 32.01 6.31
CA ASN D 41 -13.68 33.14 6.32
C ASN D 41 -14.29 33.28 7.69
N LEU D 42 -15.31 34.13 7.80
CA LEU D 42 -15.94 34.36 9.09
C LEU D 42 -17.22 33.57 9.32
N LEU D 43 -17.86 33.12 8.25
CA LEU D 43 -19.11 32.34 8.32
C LEU D 43 -19.26 31.62 9.66
N TYR D 44 -19.85 32.29 10.64
CA TYR D 44 -20.04 31.69 11.97
C TYR D 44 -21.26 30.80 11.85
N THR D 45 -21.99 31.00 10.76
CA THR D 45 -23.19 30.22 10.47
C THR D 45 -23.36 30.10 8.96
N PHE D 46 -23.77 28.90 8.54
CA PHE D 46 -23.98 28.64 7.12
C PHE D 46 -25.18 27.69 6.95
N SER D 47 -25.88 27.81 5.83
CA SER D 47 -27.06 26.98 5.57
C SER D 47 -27.01 26.18 4.27
N LEU D 48 -26.63 24.90 4.38
CA LEU D 48 -26.53 24.00 3.22
C LEU D 48 -27.52 24.32 2.10
N ALA D 49 -28.81 24.24 2.44
CA ALA D 49 -29.86 24.51 1.47
C ALA D 49 -29.55 25.74 0.62
N THR D 50 -28.96 26.77 1.22
CA THR D 50 -28.66 27.99 0.47
C THR D 50 -27.75 27.74 -0.73
N LEU D 51 -27.49 26.46 -1.02
CA LEU D 51 -26.64 26.08 -2.14
C LEU D 51 -27.39 25.29 -3.23
N MET D 52 -28.63 24.89 -2.94
CA MET D 52 -29.42 24.12 -3.88
C MET D 52 -29.48 24.76 -5.27
N PRO D 53 -29.43 26.08 -5.35
CA PRO D 53 -29.47 26.69 -6.67
C PRO D 53 -28.24 26.30 -7.48
N TYR D 54 -27.37 25.52 -6.84
CA TYR D 54 -26.14 25.06 -7.47
C TYR D 54 -26.13 23.53 -7.62
N THR D 55 -26.74 23.07 -8.71
CA THR D 55 -26.83 21.65 -9.02
C THR D 55 -25.66 21.24 -9.92
N ARG D 56 -24.54 20.96 -9.28
CA ARG D 56 -23.32 20.59 -9.96
C ARG D 56 -22.21 20.82 -8.93
N LEU D 57 -22.61 20.95 -7.67
CA LEU D 57 -21.67 21.19 -6.59
C LEU D 57 -21.25 19.87 -5.94
N THR D 58 -20.09 19.39 -6.35
CA THR D 58 -19.53 18.14 -5.85
C THR D 58 -18.63 18.32 -4.64
N GLN D 59 -17.99 19.49 -4.56
CA GLN D 59 -17.05 19.81 -3.48
C GLN D 59 -17.22 21.20 -2.86
N LEU D 60 -17.67 21.20 -1.61
CA LEU D 60 -17.89 22.43 -0.84
C LEU D 60 -16.84 22.50 0.25
N ASN D 61 -16.14 23.61 0.33
CA ASN D 61 -15.11 23.77 1.35
C ASN D 61 -15.40 24.90 2.34
N LEU D 62 -15.64 24.52 3.60
CA LEU D 62 -15.96 25.47 4.65
C LEU D 62 -14.89 25.49 5.73
N ASP D 63 -13.83 24.73 5.53
CA ASP D 63 -12.72 24.64 6.48
C ASP D 63 -12.28 26.01 7.01
N ARG D 64 -11.96 26.07 8.30
CA ARG D 64 -11.47 27.30 8.91
C ARG D 64 -12.44 28.49 8.77
N CYS D 65 -13.52 28.47 9.56
CA CYS D 65 -14.52 29.54 9.47
C CYS D 65 -15.30 29.81 10.75
N GLU D 66 -14.83 29.28 11.88
CA GLU D 66 -15.54 29.48 13.14
C GLU D 66 -17.01 29.18 12.91
N LEU D 67 -17.29 27.90 12.67
CA LEU D 67 -18.62 27.41 12.41
C LEU D 67 -19.11 26.70 13.68
N THR D 68 -20.17 27.21 14.27
CA THR D 68 -20.73 26.61 15.48
C THR D 68 -21.96 25.76 15.21
N LYS D 69 -22.62 26.02 14.07
CA LYS D 69 -23.83 25.28 13.70
C LYS D 69 -23.95 25.13 12.18
N LEU D 70 -24.31 23.94 11.72
CA LEU D 70 -24.47 23.71 10.28
C LEU D 70 -25.94 23.40 9.96
N GLN D 71 -26.51 24.23 9.08
CA GLN D 71 -27.90 24.09 8.65
C GLN D 71 -28.08 22.92 7.68
N VAL D 72 -28.55 21.78 8.19
CA VAL D 72 -28.76 20.59 7.37
C VAL D 72 -30.19 20.43 6.84
N ASP D 73 -30.56 21.28 5.90
CA ASP D 73 -31.88 21.24 5.28
C ASP D 73 -31.68 21.53 3.80
N GLY D 74 -32.67 21.20 2.98
CA GLY D 74 -32.55 21.39 1.54
C GLY D 74 -31.85 20.14 1.04
N THR D 75 -31.24 20.21 -0.14
CA THR D 75 -30.53 19.04 -0.64
C THR D 75 -29.68 19.23 -1.89
N LEU D 76 -28.42 18.81 -1.77
CA LEU D 76 -27.45 18.88 -2.86
C LEU D 76 -27.26 17.42 -3.31
N PRO D 77 -27.58 17.11 -4.58
CA PRO D 77 -27.41 15.73 -5.05
C PRO D 77 -26.07 15.31 -5.65
N VAL D 78 -25.23 16.25 -6.05
CA VAL D 78 -23.94 15.85 -6.63
C VAL D 78 -22.71 16.12 -5.76
N LEU D 79 -22.91 16.48 -4.50
CA LEU D 79 -21.78 16.80 -3.63
C LEU D 79 -21.19 15.58 -2.94
N GLY D 80 -19.90 15.35 -3.17
CA GLY D 80 -19.23 14.22 -2.56
C GLY D 80 -18.18 14.62 -1.52
N THR D 81 -17.65 15.83 -1.66
CA THR D 81 -16.63 16.35 -0.75
C THR D 81 -17.11 17.52 0.12
N LEU D 82 -16.93 17.41 1.43
CA LEU D 82 -17.33 18.47 2.35
C LEU D 82 -16.24 18.69 3.40
N ASP D 83 -15.64 19.89 3.40
CA ASP D 83 -14.59 20.16 4.36
C ASP D 83 -15.06 21.08 5.48
N LEU D 84 -15.31 20.51 6.66
CA LEU D 84 -15.76 21.28 7.81
C LEU D 84 -14.68 21.28 8.88
N SER D 85 -13.44 21.10 8.44
CA SER D 85 -12.32 21.06 9.38
C SER D 85 -11.99 22.45 9.87
N HIS D 86 -11.37 22.51 11.05
CA HIS D 86 -10.98 23.78 11.63
C HIS D 86 -12.16 24.74 11.70
N ASN D 87 -13.06 24.40 12.62
CA ASN D 87 -14.26 25.17 12.91
C ASN D 87 -14.64 24.83 14.35
N GLN D 88 -15.80 25.28 14.82
CA GLN D 88 -16.17 25.03 16.20
C GLN D 88 -17.49 24.27 16.39
N LEU D 89 -17.70 23.25 15.57
CA LEU D 89 -18.90 22.43 15.66
C LEU D 89 -18.86 21.61 16.94
N GLN D 90 -19.93 21.70 17.73
CA GLN D 90 -20.04 20.98 18.99
C GLN D 90 -20.58 19.58 18.73
N SER D 91 -21.28 19.42 17.61
CA SER D 91 -21.84 18.12 17.26
C SER D 91 -21.79 17.85 15.76
N LEU D 92 -21.65 16.57 15.39
CA LEU D 92 -21.55 16.21 13.98
C LEU D 92 -22.84 16.39 13.19
N PRO D 93 -22.82 17.25 12.19
CA PRO D 93 -24.04 17.45 11.40
C PRO D 93 -24.42 16.15 10.72
N LEU D 94 -25.71 15.79 10.81
CA LEU D 94 -26.24 14.57 10.19
C LEU D 94 -26.42 14.86 8.70
N LEU D 95 -25.44 14.45 7.90
CA LEU D 95 -25.50 14.71 6.46
C LEU D 95 -26.16 13.58 5.66
N GLY D 96 -26.49 12.49 6.35
CA GLY D 96 -27.11 11.34 5.71
C GLY D 96 -28.17 11.71 4.69
N GLN D 97 -29.13 12.52 5.13
CA GLN D 97 -30.24 12.92 4.29
C GLN D 97 -29.98 13.91 3.16
N THR D 98 -29.26 15.00 3.43
CA THR D 98 -29.02 16.00 2.38
C THR D 98 -27.80 15.72 1.52
N LEU D 99 -26.83 15.01 2.09
CA LEU D 99 -25.61 14.69 1.35
C LEU D 99 -25.50 13.19 1.08
N PRO D 100 -25.93 12.75 -0.13
CA PRO D 100 -25.90 11.35 -0.56
C PRO D 100 -24.64 10.94 -1.33
N ALA D 101 -24.21 11.78 -2.26
CA ALA D 101 -23.02 11.49 -3.06
C ALA D 101 -21.75 11.60 -2.24
N LEU D 102 -21.86 12.29 -1.10
CA LEU D 102 -20.74 12.51 -0.20
C LEU D 102 -19.86 11.27 -0.04
N THR D 103 -18.59 11.41 -0.42
CA THR D 103 -17.64 10.31 -0.33
C THR D 103 -16.54 10.60 0.71
N VAL D 104 -16.19 11.87 0.85
CA VAL D 104 -15.17 12.34 1.81
C VAL D 104 -15.79 13.34 2.79
N LEU D 105 -15.76 13.00 4.08
CA LEU D 105 -16.30 13.88 5.11
C LEU D 105 -15.17 14.34 5.99
N ASP D 106 -14.96 15.64 6.08
CA ASP D 106 -13.88 16.17 6.91
C ASP D 106 -14.29 17.17 7.99
N VAL D 107 -14.32 16.71 9.23
CA VAL D 107 -14.66 17.56 10.37
C VAL D 107 -13.64 17.35 11.49
N SER D 108 -12.37 17.45 11.12
CA SER D 108 -11.28 17.31 12.07
C SER D 108 -11.05 18.71 12.62
N PHE D 109 -10.53 18.76 13.84
CA PHE D 109 -10.27 20.04 14.49
C PHE D 109 -11.55 20.87 14.53
N ASN D 110 -12.45 20.40 15.40
CA ASN D 110 -13.74 20.98 15.68
C ASN D 110 -13.85 20.58 17.14
N ARG D 111 -14.97 20.89 17.80
CA ARG D 111 -15.09 20.53 19.22
C ARG D 111 -16.11 19.45 19.54
N LEU D 112 -16.04 18.34 18.79
CA LEU D 112 -16.94 17.20 18.97
C LEU D 112 -16.65 16.45 20.26
N THR D 113 -17.68 16.23 21.07
CA THR D 113 -17.52 15.54 22.34
C THR D 113 -17.89 14.07 22.21
N SER D 114 -18.75 13.77 21.25
CA SER D 114 -19.17 12.40 21.01
C SER D 114 -19.89 12.32 19.68
N LEU D 115 -20.25 11.11 19.25
CA LEU D 115 -20.95 10.93 18.00
C LEU D 115 -22.22 10.12 18.24
N PRO D 116 -23.33 10.51 17.61
CA PRO D 116 -24.63 9.85 17.74
C PRO D 116 -24.82 8.53 16.97
N LEU D 117 -25.78 7.74 17.39
CA LEU D 117 -26.09 6.49 16.69
C LEU D 117 -26.62 6.96 15.36
N GLY D 118 -26.41 6.18 14.30
CA GLY D 118 -26.89 6.61 13.01
C GLY D 118 -26.28 7.96 12.71
N ALA D 119 -25.03 8.14 13.13
CA ALA D 119 -24.32 9.39 12.90
C ALA D 119 -24.09 9.55 11.41
N LEU D 120 -23.61 8.47 10.80
CA LEU D 120 -23.30 8.43 9.37
C LEU D 120 -24.40 7.71 8.59
N ARG D 121 -25.43 7.28 9.30
CA ARG D 121 -26.56 6.58 8.72
C ARG D 121 -27.05 7.41 7.55
N GLY D 122 -26.92 6.89 6.34
CA GLY D 122 -27.35 7.63 5.17
C GLY D 122 -26.18 8.00 4.29
N LEU D 123 -24.96 7.79 4.79
CA LEU D 123 -23.73 8.08 4.06
C LEU D 123 -23.23 6.77 3.43
N GLY D 124 -23.78 6.43 2.26
CA GLY D 124 -23.41 5.20 1.58
C GLY D 124 -22.14 5.18 0.76
N GLU D 125 -21.93 6.18 -0.09
CA GLU D 125 -20.74 6.21 -0.93
C GLU D 125 -19.47 6.66 -0.19
N LEU D 126 -19.65 7.28 0.98
CA LEU D 126 -18.52 7.77 1.77
C LEU D 126 -17.35 6.79 1.78
N GLN D 127 -16.15 7.30 1.52
CA GLN D 127 -14.94 6.47 1.51
C GLN D 127 -13.83 7.02 2.41
N GLU D 128 -13.96 8.28 2.80
CA GLU D 128 -12.97 8.92 3.68
C GLU D 128 -13.67 9.70 4.80
N LEU D 129 -13.33 9.37 6.06
CA LEU D 129 -13.88 10.03 7.25
C LEU D 129 -12.76 10.49 8.17
N TYR D 130 -12.58 11.80 8.28
CA TYR D 130 -11.53 12.33 9.15
C TYR D 130 -12.12 13.00 10.39
N LEU D 131 -11.73 12.53 11.57
CA LEU D 131 -12.23 13.09 12.83
C LEU D 131 -11.06 13.33 13.77
N LYS D 132 -10.00 13.90 13.24
CA LYS D 132 -8.81 14.18 14.03
C LYS D 132 -8.95 15.47 14.82
N GLY D 133 -8.22 15.54 15.93
CA GLY D 133 -8.25 16.74 16.75
C GLY D 133 -9.62 17.15 17.27
N ASN D 134 -10.36 16.19 17.81
CA ASN D 134 -11.66 16.47 18.40
C ASN D 134 -11.55 15.89 19.81
N GLU D 135 -12.59 16.02 20.62
CA GLU D 135 -12.52 15.53 22.00
C GLU D 135 -13.14 14.17 22.32
N LEU D 136 -13.55 13.42 21.29
CA LEU D 136 -14.17 12.09 21.45
C LEU D 136 -13.44 11.20 22.47
N LYS D 137 -14.19 10.44 23.25
CA LYS D 137 -13.62 9.54 24.25
C LYS D 137 -13.90 8.07 23.95
N THR D 138 -15.08 7.81 23.37
CA THR D 138 -15.51 6.46 23.00
C THR D 138 -16.46 6.60 21.82
N LEU D 139 -16.48 5.60 20.95
CA LEU D 139 -17.35 5.66 19.77
C LEU D 139 -18.59 4.78 19.85
N PRO D 140 -19.65 5.16 19.14
CA PRO D 140 -20.91 4.41 19.11
C PRO D 140 -20.77 3.07 18.39
N PRO D 141 -21.15 1.96 19.04
CA PRO D 141 -21.04 0.65 18.38
C PRO D 141 -21.72 0.67 17.03
N GLY D 142 -21.21 -0.12 16.10
CA GLY D 142 -21.78 -0.18 14.77
C GLY D 142 -21.95 1.23 14.22
N LEU D 143 -20.83 1.95 14.12
CA LEU D 143 -20.84 3.32 13.62
C LEU D 143 -20.64 3.39 12.11
N LEU D 144 -19.55 2.78 11.63
CA LEU D 144 -19.19 2.79 10.21
C LEU D 144 -20.02 1.89 9.29
N THR D 145 -21.18 1.44 9.80
CA THR D 145 -22.04 0.56 9.04
C THR D 145 -22.54 1.15 7.74
N PRO D 146 -23.18 2.33 7.80
CA PRO D 146 -23.71 2.99 6.60
C PRO D 146 -22.59 3.31 5.62
N THR D 147 -21.37 3.26 6.14
CA THR D 147 -20.17 3.55 5.37
C THR D 147 -19.33 2.29 5.24
N PRO D 148 -19.75 1.36 4.37
CA PRO D 148 -19.03 0.10 4.16
C PRO D 148 -17.90 0.21 3.11
N LYS D 149 -18.00 1.21 2.23
CA LYS D 149 -16.99 1.42 1.21
C LYS D 149 -15.84 2.31 1.75
N LEU D 150 -15.83 2.52 3.05
CA LEU D 150 -14.84 3.37 3.71
C LEU D 150 -13.39 2.96 3.49
N GLU D 151 -12.57 3.91 3.01
CA GLU D 151 -11.16 3.69 2.75
C GLU D 151 -10.19 4.27 3.80
N LYS D 152 -10.41 5.52 4.19
CA LYS D 152 -9.57 6.19 5.19
C LYS D 152 -10.40 6.56 6.42
N LEU D 153 -9.85 6.30 7.60
CA LEU D 153 -10.50 6.65 8.85
C LEU D 153 -9.40 7.19 9.78
N SER D 154 -9.57 8.45 10.16
CA SER D 154 -8.64 9.13 11.06
C SER D 154 -9.34 9.56 12.36
N LEU D 155 -9.10 8.78 13.40
CA LEU D 155 -9.67 9.07 14.72
C LEU D 155 -8.44 9.49 15.51
N ALA D 156 -7.50 10.07 14.77
CA ALA D 156 -6.23 10.52 15.34
C ALA D 156 -6.39 11.72 16.25
N ASN D 157 -5.51 11.79 17.23
CA ASN D 157 -5.53 12.88 18.18
C ASN D 157 -6.93 13.19 18.67
N ASN D 158 -7.37 12.42 19.66
CA ASN D 158 -8.67 12.60 20.28
C ASN D 158 -8.50 12.14 21.73
N GLN D 159 -9.52 11.50 22.29
CA GLN D 159 -9.41 11.07 23.68
C GLN D 159 -9.96 9.67 23.87
N LEU D 160 -10.00 8.92 22.77
CA LEU D 160 -10.50 7.56 22.81
C LEU D 160 -9.78 6.79 23.90
N THR D 161 -10.54 5.92 24.58
CA THR D 161 -10.05 5.10 25.68
C THR D 161 -10.37 3.63 25.43
N GLU D 162 -11.40 3.41 24.63
CA GLU D 162 -11.85 2.08 24.26
C GLU D 162 -12.19 2.12 22.77
N LEU D 163 -12.31 0.96 22.15
CA LEU D 163 -12.66 0.86 20.74
C LEU D 163 -13.70 -0.23 20.52
N PRO D 164 -14.84 0.13 19.91
CA PRO D 164 -15.92 -0.82 19.63
C PRO D 164 -15.43 -2.11 18.98
N ALA D 165 -15.15 -3.12 19.81
CA ALA D 165 -14.66 -4.42 19.33
C ALA D 165 -14.88 -4.69 17.84
N GLY D 166 -16.13 -4.62 17.40
CA GLY D 166 -16.42 -4.87 16.00
C GLY D 166 -16.62 -3.57 15.24
N LEU D 167 -15.68 -2.66 15.41
CA LEU D 167 -15.73 -1.34 14.78
C LEU D 167 -15.41 -1.34 13.28
N LEU D 168 -14.34 -2.04 12.91
CA LEU D 168 -13.91 -2.10 11.52
C LEU D 168 -14.66 -3.21 10.77
N ASN D 169 -15.70 -3.71 11.43
CA ASN D 169 -16.55 -4.80 10.92
C ASN D 169 -17.20 -4.55 9.58
N GLY D 170 -16.94 -5.46 8.64
CA GLY D 170 -17.52 -5.36 7.32
C GLY D 170 -16.78 -4.45 6.36
N LEU D 171 -15.71 -3.83 6.83
CA LEU D 171 -14.94 -2.95 5.97
C LEU D 171 -13.97 -3.78 5.13
N GLU D 172 -14.12 -3.72 3.81
CA GLU D 172 -13.29 -4.49 2.91
C GLU D 172 -12.39 -3.64 2.01
N ASN D 173 -12.24 -2.37 2.33
CA ASN D 173 -11.41 -1.49 1.50
C ASN D 173 -10.60 -0.53 2.33
N LEU D 174 -10.53 -0.79 3.62
CA LEU D 174 -9.80 0.09 4.51
C LEU D 174 -8.31 0.00 4.28
N ASP D 175 -7.71 1.04 3.71
CA ASP D 175 -6.27 1.01 3.50
C ASP D 175 -5.52 1.88 4.51
N THR D 176 -6.24 2.83 5.12
CA THR D 176 -5.64 3.72 6.11
C THR D 176 -6.50 3.92 7.37
N LEU D 177 -5.94 3.58 8.53
CA LEU D 177 -6.61 3.73 9.82
C LEU D 177 -5.70 4.57 10.72
N LEU D 178 -6.22 5.71 11.18
CA LEU D 178 -5.46 6.63 12.03
C LEU D 178 -5.94 6.73 13.47
N LEU D 179 -5.22 6.08 14.39
CA LEU D 179 -5.58 6.10 15.80
C LEU D 179 -4.42 6.54 16.68
N GLN D 180 -3.42 7.19 16.09
CA GLN D 180 -2.26 7.61 16.88
C GLN D 180 -2.54 8.83 17.76
N GLU D 181 -1.94 8.81 18.95
CA GLU D 181 -2.08 9.89 19.93
C GLU D 181 -3.48 9.94 20.55
N ASN D 182 -3.72 8.99 21.45
CA ASN D 182 -4.98 8.88 22.18
C ASN D 182 -4.73 8.30 23.56
N SER D 183 -5.80 7.79 24.18
CA SER D 183 -5.69 7.22 25.51
C SER D 183 -6.24 5.79 25.50
N LEU D 184 -5.70 4.97 24.60
CA LEU D 184 -6.12 3.59 24.46
C LEU D 184 -5.16 2.70 25.25
N TYR D 185 -5.68 1.65 25.86
CA TYR D 185 -4.85 0.76 26.67
C TYR D 185 -4.88 -0.69 26.21
N THR D 186 -5.80 -1.02 25.30
CA THR D 186 -5.91 -2.38 24.79
C THR D 186 -6.88 -2.51 23.62
N ILE D 187 -6.61 -3.44 22.71
CA ILE D 187 -7.47 -3.66 21.55
C ILE D 187 -8.36 -4.88 21.82
N PRO D 188 -9.61 -4.85 21.32
CA PRO D 188 -10.58 -5.93 21.48
C PRO D 188 -10.22 -7.16 20.67
N LYS D 189 -10.37 -8.34 21.27
CA LYS D 189 -10.06 -9.60 20.59
C LYS D 189 -10.65 -9.59 19.17
N GLY D 190 -9.83 -9.92 18.18
CA GLY D 190 -10.29 -9.96 16.80
C GLY D 190 -10.84 -8.65 16.28
N PHE D 191 -10.24 -7.55 16.72
CA PHE D 191 -10.65 -6.21 16.33
C PHE D 191 -10.23 -5.80 14.93
N PHE D 192 -9.21 -6.45 14.38
CA PHE D 192 -8.73 -6.09 13.05
C PHE D 192 -9.34 -6.91 11.93
N GLY D 193 -10.05 -7.96 12.30
CA GLY D 193 -10.68 -8.82 11.31
C GLY D 193 -9.61 -9.59 10.58
N SER D 194 -9.94 -10.11 9.40
CA SER D 194 -8.97 -10.84 8.61
C SER D 194 -8.62 -9.92 7.46
N HIS D 195 -8.89 -8.62 7.67
CA HIS D 195 -8.63 -7.54 6.72
C HIS D 195 -7.17 -7.58 6.30
N LEU D 196 -6.64 -6.43 5.88
CA LEU D 196 -5.25 -6.28 5.49
C LEU D 196 -5.03 -4.78 5.48
N LEU D 197 -4.65 -4.25 6.63
CA LEU D 197 -4.46 -2.82 6.79
C LEU D 197 -3.09 -2.37 6.31
N PRO D 198 -3.00 -1.86 5.07
CA PRO D 198 -1.71 -1.40 4.54
C PRO D 198 -1.08 -0.40 5.50
N PHE D 199 -1.88 0.55 5.96
CA PHE D 199 -1.41 1.57 6.90
C PHE D 199 -2.30 1.63 8.15
N ALA D 200 -1.67 1.63 9.31
CA ALA D 200 -2.38 1.72 10.57
C ALA D 200 -1.49 2.48 11.55
N PHE D 201 -2.01 3.55 12.14
CA PHE D 201 -1.24 4.36 13.08
C PHE D 201 -1.69 4.15 14.54
N LEU D 202 -0.82 3.58 15.35
CA LEU D 202 -1.20 3.30 16.73
C LEU D 202 -0.29 3.88 17.83
N HIS D 203 0.67 4.70 17.44
CA HIS D 203 1.60 5.31 18.40
C HIS D 203 0.96 6.48 19.15
N GLY D 204 1.56 6.85 20.27
CA GLY D 204 1.06 7.95 21.06
C GLY D 204 -0.06 7.48 21.96
N ASN D 205 -0.12 6.18 22.19
CA ASN D 205 -1.16 5.60 23.04
C ASN D 205 -0.60 4.85 24.23
N PRO D 206 -1.29 4.96 25.38
CA PRO D 206 -0.90 4.30 26.62
C PRO D 206 -1.40 2.85 26.66
N TRP D 207 -0.70 1.95 25.99
CA TRP D 207 -1.11 0.55 25.98
C TRP D 207 -0.76 -0.09 27.31
N LEU D 208 -1.60 -1.01 27.75
CA LEU D 208 -1.37 -1.70 29.00
C LEU D 208 -0.95 -3.13 28.68
N CYS D 209 0.35 -3.41 28.77
CA CYS D 209 0.83 -4.74 28.47
C CYS D 209 0.62 -5.75 29.59
N ASN D 210 -0.57 -6.35 29.61
CA ASN D 210 -0.92 -7.35 30.61
C ASN D 210 -1.18 -8.67 29.88
N CYS D 211 -2.40 -9.18 29.99
CA CYS D 211 -2.72 -10.43 29.33
C CYS D 211 -3.75 -10.25 28.23
N GLU D 212 -4.38 -9.10 28.18
CA GLU D 212 -5.38 -8.84 27.15
C GLU D 212 -4.73 -8.20 25.92
N ILE D 213 -3.47 -7.79 26.07
CA ILE D 213 -2.76 -7.15 24.98
C ILE D 213 -2.00 -8.11 24.07
N LEU D 214 -2.35 -9.39 24.08
CA LEU D 214 -1.66 -10.36 23.23
C LEU D 214 -2.28 -10.47 21.83
N TYR D 215 -3.60 -10.30 21.73
CA TYR D 215 -4.22 -10.37 20.41
C TYR D 215 -3.57 -9.26 19.62
N PHE D 216 -3.25 -8.18 20.33
CA PHE D 216 -2.61 -7.02 19.74
C PHE D 216 -1.12 -7.23 19.66
N ARG D 217 -0.59 -8.15 20.47
CA ARG D 217 0.83 -8.43 20.43
C ARG D 217 1.11 -9.19 19.14
N ARG D 218 0.33 -10.24 18.89
CA ARG D 218 0.49 -11.04 17.70
C ARG D 218 0.35 -10.20 16.44
N TRP D 219 -0.82 -9.57 16.29
CA TRP D 219 -1.11 -8.74 15.13
C TRP D 219 0.08 -7.86 14.80
N LEU D 220 0.66 -7.28 15.84
CA LEU D 220 1.82 -6.41 15.68
C LEU D 220 3.01 -7.15 15.11
N GLN D 221 3.10 -8.44 15.41
CA GLN D 221 4.19 -9.25 14.88
C GLN D 221 3.79 -9.76 13.51
N ASP D 222 2.47 -9.82 13.27
CA ASP D 222 1.98 -10.31 12.00
C ASP D 222 1.94 -9.22 10.92
N ASN D 223 1.88 -7.95 11.31
CA ASN D 223 1.81 -6.86 10.33
C ASN D 223 2.80 -5.73 10.60
N ALA D 224 3.98 -6.06 11.11
CA ALA D 224 4.96 -5.03 11.42
C ALA D 224 5.23 -4.07 10.28
N GLU D 225 4.97 -4.48 9.05
CA GLU D 225 5.20 -3.61 7.91
C GLU D 225 3.97 -2.79 7.56
N ASN D 226 2.97 -2.83 8.45
CA ASN D 226 1.76 -2.07 8.24
C ASN D 226 1.60 -1.04 9.37
N VAL D 227 2.49 -1.09 10.35
CA VAL D 227 2.47 -0.15 11.46
C VAL D 227 3.24 1.13 11.05
N TYR D 228 2.53 2.24 10.89
CA TYR D 228 3.14 3.50 10.49
C TYR D 228 3.12 4.59 11.57
N VAL D 229 4.02 5.56 11.43
CA VAL D 229 4.10 6.66 12.38
C VAL D 229 3.83 7.97 11.69
N TRP D 230 2.84 8.71 12.17
CA TRP D 230 2.51 9.99 11.57
C TRP D 230 3.29 11.12 12.20
N LYS D 231 3.82 12.02 11.36
CA LYS D 231 4.62 13.13 11.84
C LYS D 231 4.68 14.34 10.92
N GLN D 232 4.18 15.47 11.41
CA GLN D 232 4.15 16.75 10.68
C GLN D 232 5.48 17.48 10.85
N GLY D 233 5.66 18.59 10.15
CA GLY D 233 6.91 19.31 10.28
C GLY D 233 7.05 20.62 9.54
N VAL D 234 6.05 21.49 9.67
CA VAL D 234 6.04 22.82 9.04
C VAL D 234 6.13 22.77 7.52
N ASP D 235 6.90 21.82 7.01
CA ASP D 235 7.06 21.69 5.57
C ASP D 235 7.29 20.24 5.19
N VAL D 236 6.93 19.32 6.08
CA VAL D 236 7.13 17.89 5.81
C VAL D 236 6.17 17.00 6.56
N LYS D 237 5.33 16.27 5.82
CA LYS D 237 4.41 15.33 6.42
C LYS D 237 4.95 13.96 6.08
N ALA D 238 5.21 13.13 7.08
CA ALA D 238 5.75 11.80 6.83
C ALA D 238 4.93 10.66 7.44
N MET D 239 5.16 9.47 6.91
CA MET D 239 4.51 8.26 7.36
C MET D 239 5.63 7.26 7.24
N THR D 240 6.02 6.65 8.35
CA THR D 240 7.11 5.69 8.30
C THR D 240 6.78 4.40 9.01
N SER D 241 7.07 3.28 8.35
CA SER D 241 6.82 2.00 8.98
C SER D 241 7.66 1.91 10.25
N ASN D 242 7.02 1.57 11.35
CA ASN D 242 7.75 1.42 12.60
C ASN D 242 6.86 0.79 13.65
N VAL D 243 6.79 -0.55 13.63
CA VAL D 243 5.96 -1.28 14.57
C VAL D 243 6.47 -1.04 15.99
N ALA D 244 7.73 -0.64 16.08
CA ALA D 244 8.32 -0.39 17.38
C ALA D 244 7.77 0.89 18.00
N SER D 245 7.01 1.65 17.21
CA SER D 245 6.44 2.89 17.72
C SER D 245 5.32 2.54 18.69
N VAL D 246 4.53 1.53 18.36
CA VAL D 246 3.45 1.10 19.24
C VAL D 246 4.11 0.51 20.47
N GLN D 247 3.83 1.08 21.63
CA GLN D 247 4.43 0.60 22.87
C GLN D 247 3.65 0.98 24.13
N CYS D 248 3.41 -0.02 24.99
CA CYS D 248 2.69 0.21 26.23
C CYS D 248 3.57 1.10 27.07
N ASP D 249 3.03 2.26 27.45
CA ASP D 249 3.76 3.26 28.22
C ASP D 249 4.62 4.04 27.21
N ASN D 250 3.93 4.85 26.43
CA ASN D 250 4.49 5.70 25.38
C ASN D 250 5.99 5.99 25.34
N SER D 251 6.32 7.24 25.02
CA SER D 251 7.71 7.71 24.92
C SER D 251 8.46 6.84 23.93
N ASP D 252 9.57 6.26 24.41
CA ASP D 252 10.43 5.36 23.65
C ASP D 252 10.85 4.41 24.76
N LYS D 253 10.27 3.22 24.84
CA LYS D 253 10.62 2.30 25.92
C LYS D 253 10.51 0.79 25.62
N PHE D 254 9.35 0.22 25.90
CA PHE D 254 9.09 -1.21 25.68
C PHE D 254 8.04 -1.39 24.59
N PRO D 255 8.45 -1.88 23.41
CA PRO D 255 7.47 -2.07 22.34
C PRO D 255 6.46 -3.16 22.71
N VAL D 256 5.18 -2.89 22.46
CA VAL D 256 4.14 -3.86 22.76
C VAL D 256 4.50 -5.22 22.16
N TYR D 257 4.90 -5.22 20.90
CA TYR D 257 5.24 -6.45 20.21
C TYR D 257 6.31 -7.29 20.92
N LYS D 258 7.04 -6.68 21.86
CA LYS D 258 8.09 -7.38 22.61
C LYS D 258 7.58 -7.92 23.95
N TYR D 259 6.48 -7.36 24.43
CA TYR D 259 5.90 -7.77 25.70
C TYR D 259 5.88 -9.29 25.86
N PRO D 260 6.73 -9.83 26.76
CA PRO D 260 6.86 -11.26 27.06
C PRO D 260 5.57 -12.01 27.35
N GLY D 261 4.66 -11.37 28.07
CA GLY D 261 3.40 -12.02 28.38
C GLY D 261 3.46 -12.99 29.54
N LYS D 262 4.59 -13.02 30.23
CA LYS D 262 4.78 -13.90 31.38
C LYS D 262 3.62 -13.76 32.37
N GLY D 263 3.26 -14.86 33.01
CA GLY D 263 2.18 -14.84 33.98
C GLY D 263 0.83 -14.98 33.31
N CYS D 264 0.82 -14.95 31.98
CA CYS D 264 -0.40 -15.08 31.20
C CYS D 264 -0.50 -16.51 30.66
N PRO D 265 -1.73 -17.01 30.48
CA PRO D 265 -1.90 -18.36 29.95
C PRO D 265 -1.19 -18.55 28.61
#